data_6M7X
#
_entry.id   6M7X
#
_cell.length_a   140.570
_cell.length_b   140.570
_cell.length_c   145.777
_cell.angle_alpha   90.00
_cell.angle_beta   90.00
_cell.angle_gamma   90.00
#
_symmetry.space_group_name_H-M   'I 4'
#
loop_
_entity.id
_entity.type
_entity.pdbx_description
1 polymer 'Cytochrome P450 11B1, mitochondrial'
2 non-polymer 4-[(5S)-5,6,7,8-tetrahydroimidazo[1,5-a]pyridin-5-yl]benzonitrile
3 non-polymer 'PROTOPORPHYRIN IX CONTAINING FE'
4 water water
#
_entity_poly.entity_id   1
_entity_poly.type   'polypeptide(L)'
_entity_poly.pdbx_seq_one_letter_code
;MAKKTSSVPRTVLPFEAMPRRPGNRWLRLLQIWREQGYEDLHLEVHQTFQELGPIFRYDLGGAGMVCVMLPEDVEKLQQV
DSLHPHRMSLEPWVAYRQHRGHKCGVFLLNGPEWRFNRLRLNPEVLSPNAVQRFLPMVDAVARDFSQALKKKVLQNARGS
LTLDVQPSIFHYTIEASNLALFGERLGLVGHSPSSASLNFLHALEVMFKSTVQLMFMPRSLSRWTSPKVWKEHFEAWDCI
FQYGDNCIQKIYQELAFSRPQQYTSIVAELLLNAELSPDAIKANSMELTAGSVDTTVFPLLMTLFELARNPNVQQALRQE
SLAAAASISEHPQKATTELPLLRAALKETLRLYPVGLFLERVASSDLVLQNYHIPAGTLVRVFLYSLGRNPALFPRPERY
NPQRWLDIRGSGRNFYHVPFGFGMRQCLGRRLAEAEMLLLLHHVLKHLQVETLTQEDIKMVYSFILRPSMFPLLTFRAIN
HHHH
;
_entity_poly.pdbx_strand_id   A,B
#
loop_
_chem_comp.id
_chem_comp.type
_chem_comp.name
_chem_comp.formula
HEM non-polymer 'PROTOPORPHYRIN IX CONTAINING FE' 'C34 H32 Fe N4 O4'
JD7 non-polymer 4-[(5S)-5,6,7,8-tetrahydroimidazo[1,5-a]pyridin-5-yl]benzonitrile 'C14 H13 N3'
#
# COMPACT_ATOMS: atom_id res chain seq x y z
N THR A 11 25.97 -25.72 15.10
CA THR A 11 26.34 -25.41 13.73
C THR A 11 26.78 -23.97 13.56
N VAL A 12 26.71 -23.18 14.64
CA VAL A 12 27.13 -21.80 14.59
C VAL A 12 28.65 -21.74 14.62
N LEU A 13 29.22 -21.03 13.65
CA LEU A 13 30.67 -20.93 13.53
C LEU A 13 31.22 -19.91 14.52
N PRO A 14 32.44 -20.11 15.02
CA PRO A 14 33.02 -19.13 15.95
C PRO A 14 33.29 -17.79 15.28
N PHE A 15 33.27 -16.74 16.09
CA PHE A 15 33.58 -15.40 15.57
C PHE A 15 34.95 -15.34 14.93
N GLU A 16 35.91 -16.10 15.45
CA GLU A 16 37.28 -16.06 14.96
C GLU A 16 37.45 -16.78 13.63
N ALA A 17 36.47 -17.58 13.22
CA ALA A 17 36.52 -18.25 11.92
C ALA A 17 35.96 -17.40 10.79
N MET A 18 35.46 -16.20 11.09
CA MET A 18 34.88 -15.36 10.06
C MET A 18 35.96 -14.96 9.06
N PRO A 19 35.66 -14.96 7.76
CA PRO A 19 36.64 -14.48 6.79
C PRO A 19 37.08 -13.07 7.09
N ARG A 20 38.40 -12.85 7.01
CA ARG A 20 39.00 -11.54 7.22
C ARG A 20 39.42 -10.95 5.88
N ARG A 21 39.24 -9.64 5.75
CA ARG A 21 39.68 -8.98 4.52
C ARG A 21 41.21 -8.99 4.48
N PRO A 22 41.81 -9.41 3.36
CA PRO A 22 43.27 -9.37 3.29
C PRO A 22 43.83 -7.98 3.54
N GLY A 23 45.10 -7.93 3.89
CA GLY A 23 45.79 -6.68 4.16
C GLY A 23 46.26 -6.60 5.60
N ASN A 24 47.12 -5.62 5.84
CA ASN A 24 47.68 -5.37 7.17
C ASN A 24 46.83 -4.35 7.89
N ARG A 25 46.22 -4.76 9.01
CA ARG A 25 45.31 -3.88 9.72
C ARG A 25 45.99 -2.61 10.21
N TRP A 26 47.29 -2.68 10.53
CA TRP A 26 47.97 -1.51 11.05
C TRP A 26 48.44 -0.58 9.93
N LEU A 27 48.98 -1.14 8.86
CA LEU A 27 49.39 -0.31 7.72
C LEU A 27 48.19 0.39 7.11
N ARG A 28 47.04 -0.29 7.05
CA ARG A 28 45.85 0.32 6.46
C ARG A 28 45.41 1.54 7.28
N LEU A 29 45.52 1.45 8.61
CA LEU A 29 45.16 2.60 9.43
C LEU A 29 46.09 3.77 9.17
N LEU A 30 47.39 3.52 9.10
CA LEU A 30 48.33 4.57 8.72
C LEU A 30 48.01 5.10 7.33
N GLN A 31 47.64 4.22 6.40
CA GLN A 31 47.25 4.67 5.08
C GLN A 31 46.04 5.61 5.14
N ILE A 32 45.15 5.41 6.10
CA ILE A 32 44.02 6.31 6.25
C ILE A 32 44.48 7.68 6.76
N TRP A 33 45.29 7.69 7.83
CA TRP A 33 45.80 8.95 8.35
C TRP A 33 46.62 9.69 7.30
N ARG A 34 47.30 8.96 6.43
CA ARG A 34 48.05 9.57 5.34
C ARG A 34 47.18 10.49 4.49
N GLU A 35 45.86 10.36 4.58
CA GLU A 35 44.96 11.02 3.65
C GLU A 35 43.72 11.62 4.31
N GLN A 36 43.53 11.40 5.61
CA GLN A 36 42.37 11.97 6.32
C GLN A 36 41.08 11.63 5.60
N GLY A 37 40.99 10.41 5.11
CA GLY A 37 39.84 9.99 4.33
C GLY A 37 39.99 8.55 3.89
N TYR A 38 38.88 7.99 3.41
CA TYR A 38 38.79 6.64 2.89
C TYR A 38 37.72 6.68 1.79
N GLU A 39 38.03 7.41 0.73
CA GLU A 39 37.02 7.77 -0.26
C GLU A 39 36.50 6.59 -1.07
N ASP A 40 37.27 5.51 -1.19
CA ASP A 40 36.85 4.32 -1.92
C ASP A 40 36.35 3.22 -0.99
N LEU A 41 35.97 3.56 0.24
CA LEU A 41 35.50 2.55 1.19
C LEU A 41 34.38 1.71 0.59
N HIS A 42 33.38 2.37 -0.01
CA HIS A 42 32.25 1.64 -0.56
C HIS A 42 32.69 0.64 -1.62
N LEU A 43 33.66 1.02 -2.46
CA LEU A 43 34.10 0.12 -3.52
C LEU A 43 34.96 -1.01 -2.97
N GLU A 44 35.88 -0.69 -2.06
CA GLU A 44 36.77 -1.72 -1.54
C GLU A 44 36.00 -2.74 -0.69
N VAL A 45 34.99 -2.28 0.05
CA VAL A 45 34.12 -3.22 0.78
C VAL A 45 33.28 -4.03 -0.21
N HIS A 46 32.75 -3.37 -1.25
CA HIS A 46 31.94 -4.08 -2.23
C HIS A 46 32.73 -5.18 -2.90
N GLN A 47 33.99 -4.91 -3.25
CA GLN A 47 34.83 -5.93 -3.86
C GLN A 47 35.06 -7.11 -2.92
N THR A 48 35.27 -6.83 -1.63
CA THR A 48 35.53 -7.89 -0.67
C THR A 48 34.32 -8.82 -0.54
N PHE A 49 33.11 -8.25 -0.49
CA PHE A 49 31.90 -9.07 -0.49
C PHE A 49 31.89 -10.00 -1.69
N GLN A 50 32.24 -9.49 -2.87
CA GLN A 50 32.25 -10.31 -4.07
C GLN A 50 33.22 -11.49 -3.92
N GLU A 51 34.31 -11.30 -3.19
CA GLU A 51 35.34 -12.31 -3.04
C GLU A 51 35.01 -13.29 -1.90
N LEU A 52 34.69 -12.77 -0.71
CA LEU A 52 34.61 -13.59 0.49
C LEU A 52 33.20 -13.99 0.87
N GLY A 53 32.18 -13.37 0.27
CA GLY A 53 30.81 -13.70 0.61
C GLY A 53 30.12 -12.55 1.32
N PRO A 54 28.92 -12.80 1.84
CA PRO A 54 28.10 -11.71 2.41
C PRO A 54 28.52 -11.26 3.81
N ILE A 55 29.59 -11.81 4.38
CA ILE A 55 30.03 -11.38 5.70
C ILE A 55 31.54 -11.55 5.79
N PHE A 56 32.20 -10.55 6.33
CA PHE A 56 33.64 -10.62 6.58
C PHE A 56 34.00 -9.62 7.66
N ARG A 57 35.19 -9.79 8.22
CA ARG A 57 35.72 -8.88 9.22
C ARG A 57 36.77 -7.98 8.59
N TYR A 58 36.69 -6.69 8.85
CA TYR A 58 37.65 -5.70 8.36
C TYR A 58 38.46 -5.23 9.56
N ASP A 59 39.66 -5.79 9.71
CA ASP A 59 40.55 -5.41 10.79
C ASP A 59 41.23 -4.09 10.46
N LEU A 60 41.11 -3.12 11.38
CA LEU A 60 41.68 -1.79 11.18
C LEU A 60 42.24 -1.32 12.52
N GLY A 61 43.57 -1.26 12.62
CA GLY A 61 44.19 -0.81 13.85
C GLY A 61 43.98 -1.83 14.96
N GLY A 62 43.61 -1.32 16.15
CA GLY A 62 43.42 -2.18 17.30
C GLY A 62 42.15 -3.02 17.21
N ALA A 63 41.12 -2.51 16.52
CA ALA A 63 39.85 -3.22 16.41
C ALA A 63 39.46 -3.38 14.95
N GLY A 64 38.17 -3.31 14.66
CA GLY A 64 37.71 -3.47 13.29
C GLY A 64 36.20 -3.41 13.23
N MET A 65 35.66 -3.94 12.14
CA MET A 65 34.22 -3.93 11.91
C MET A 65 33.81 -5.21 11.20
N VAL A 66 32.67 -5.75 11.59
CA VAL A 66 32.03 -6.83 10.85
C VAL A 66 31.15 -6.22 9.79
N CYS A 67 31.39 -6.58 8.53
CA CYS A 67 30.68 -6.02 7.39
C CYS A 67 29.64 -7.02 6.90
N VAL A 68 28.40 -6.55 6.75
CA VAL A 68 27.32 -7.37 6.22
C VAL A 68 26.56 -6.54 5.19
N MET A 69 25.73 -7.23 4.41
CA MET A 69 25.03 -6.58 3.31
C MET A 69 23.67 -7.18 3.00
N LEU A 70 23.13 -8.07 3.85
CA LEU A 70 21.89 -8.73 3.51
C LEU A 70 20.75 -8.24 4.41
N PRO A 71 19.54 -8.10 3.86
CA PRO A 71 18.40 -7.68 4.71
C PRO A 71 18.21 -8.55 5.94
N GLU A 72 18.38 -9.86 5.80
CA GLU A 72 18.23 -10.74 6.96
C GLU A 72 19.16 -10.35 8.09
N ASP A 73 20.34 -9.81 7.76
CA ASP A 73 21.25 -9.35 8.80
C ASP A 73 20.73 -8.08 9.47
N VAL A 74 20.15 -7.17 8.69
CA VAL A 74 19.52 -5.98 9.27
C VAL A 74 18.43 -6.39 10.25
N GLU A 75 17.63 -7.39 9.86
CA GLU A 75 16.56 -7.86 10.73
C GLU A 75 17.12 -8.40 12.04
N LYS A 76 18.16 -9.24 11.97
CA LYS A 76 18.76 -9.77 13.19
C LYS A 76 19.39 -8.68 14.03
N LEU A 77 19.90 -7.62 13.39
CA LEU A 77 20.46 -6.51 14.17
C LEU A 77 19.37 -5.75 14.91
N GLN A 78 18.23 -5.52 14.27
CA GLN A 78 17.14 -4.81 14.95
C GLN A 78 16.55 -5.66 16.08
N GLN A 79 16.66 -6.99 15.98
CA GLN A 79 16.12 -7.83 17.04
C GLN A 79 16.92 -7.70 18.33
N VAL A 80 18.21 -7.41 18.24
CA VAL A 80 19.04 -7.21 19.41
C VAL A 80 19.25 -5.72 19.71
N ASP A 81 18.50 -4.84 19.05
CA ASP A 81 18.43 -3.44 19.45
C ASP A 81 17.88 -3.36 20.86
N SER A 82 18.70 -2.94 21.80
CA SER A 82 18.24 -2.76 23.18
C SER A 82 17.26 -1.58 23.21
N LEU A 83 16.85 -1.17 24.41
CA LEU A 83 16.12 0.07 24.55
C LEU A 83 16.98 1.27 24.17
N HIS A 84 18.30 1.09 24.09
CA HIS A 84 19.23 2.17 23.78
C HIS A 84 20.20 1.68 22.72
N PRO A 85 19.77 1.63 21.46
CA PRO A 85 20.67 1.19 20.38
C PRO A 85 21.96 1.99 20.39
N HIS A 86 23.09 1.28 20.37
CA HIS A 86 24.41 1.86 20.55
C HIS A 86 25.01 2.17 19.18
N ARG A 87 25.22 3.45 18.90
CA ARG A 87 25.94 3.91 17.73
C ARG A 87 27.10 4.76 18.19
N MET A 88 28.29 4.48 17.67
CA MET A 88 29.49 5.16 18.13
C MET A 88 29.37 6.67 17.95
N SER A 89 29.71 7.42 19.00
CA SER A 89 29.60 8.87 18.95
C SER A 89 30.70 9.47 18.08
N LEU A 90 30.37 10.59 17.45
CA LEU A 90 31.31 11.30 16.58
C LEU A 90 32.19 12.18 17.45
N GLU A 91 33.42 11.73 17.70
CA GLU A 91 34.35 12.35 18.63
C GLU A 91 34.48 13.86 18.41
N PRO A 92 34.82 14.32 17.21
CA PRO A 92 34.99 15.77 17.03
C PRO A 92 33.77 16.59 17.42
N TRP A 93 32.57 16.06 17.16
CA TRP A 93 31.36 16.76 17.57
C TRP A 93 31.21 16.76 19.09
N VAL A 94 31.44 15.60 19.72
CA VAL A 94 31.37 15.52 21.18
C VAL A 94 32.40 16.46 21.80
N ALA A 95 33.59 16.53 21.21
CA ALA A 95 34.65 17.36 21.78
C ALA A 95 34.21 18.82 21.89
N TYR A 96 33.53 19.33 20.85
CA TYR A 96 33.10 20.72 20.90
C TYR A 96 32.08 20.95 22.01
N ARG A 97 31.16 20.00 22.21
CA ARG A 97 30.14 20.18 23.24
C ARG A 97 30.77 20.26 24.62
N GLN A 98 31.70 19.35 24.91
CA GLN A 98 32.34 19.34 26.23
C GLN A 98 33.18 20.59 26.44
N HIS A 99 33.84 21.07 25.38
CA HIS A 99 34.70 22.24 25.52
C HIS A 99 33.89 23.49 25.85
N ARG A 100 32.77 23.70 25.16
CA ARG A 100 31.94 24.88 25.39
C ARG A 100 30.90 24.68 26.47
N GLY A 101 30.73 23.46 26.97
CA GLY A 101 29.70 23.19 27.96
C GLY A 101 28.31 23.00 27.39
N HIS A 102 28.21 22.64 26.11
CA HIS A 102 26.91 22.38 25.49
C HIS A 102 26.48 20.94 25.74
N LYS A 103 25.18 20.72 25.60
CA LYS A 103 24.64 19.37 25.68
C LYS A 103 24.85 18.63 24.35
N CYS A 104 24.79 17.31 24.42
CA CYS A 104 24.79 16.47 23.23
C CYS A 104 23.36 16.11 22.87
N GLY A 105 23.07 16.05 21.57
CA GLY A 105 21.75 15.67 21.09
C GLY A 105 21.67 14.18 20.77
N VAL A 106 20.50 13.79 20.24
CA VAL A 106 20.22 12.38 19.98
C VAL A 106 21.24 11.79 19.01
N PHE A 107 21.80 12.62 18.11
CA PHE A 107 22.78 12.09 17.17
C PHE A 107 24.05 11.62 17.87
N LEU A 108 24.44 12.29 18.95
CA LEU A 108 25.67 11.98 19.66
C LEU A 108 25.46 11.19 20.94
N LEU A 109 24.24 11.19 21.48
CA LEU A 109 23.99 10.56 22.76
C LEU A 109 23.88 9.04 22.63
N ASN A 110 24.07 8.36 23.76
CA ASN A 110 23.86 6.93 23.86
C ASN A 110 23.26 6.63 25.23
N GLY A 111 22.63 5.46 25.34
CA GLY A 111 22.09 5.01 26.60
C GLY A 111 20.81 5.73 26.99
N PRO A 112 20.50 5.72 28.29
CA PRO A 112 19.22 6.31 28.72
C PRO A 112 19.02 7.76 28.30
N GLU A 113 20.08 8.58 28.32
CA GLU A 113 19.92 9.98 27.96
C GLU A 113 19.49 10.14 26.51
N TRP A 114 19.96 9.25 25.62
CA TRP A 114 19.49 9.29 24.24
C TRP A 114 17.98 9.05 24.18
N ARG A 115 17.52 7.97 24.82
CA ARG A 115 16.10 7.63 24.78
C ARG A 115 15.26 8.76 25.36
N PHE A 116 15.72 9.35 26.48
CA PHE A 116 15.00 10.47 27.07
C PHE A 116 14.79 11.58 26.06
N ASN A 117 15.86 11.96 25.35
CA ASN A 117 15.76 12.98 24.32
C ASN A 117 14.90 12.51 23.15
N ARG A 118 15.12 11.28 22.70
CA ARG A 118 14.42 10.79 21.50
C ARG A 118 12.91 10.81 21.69
N LEU A 119 12.43 10.24 22.81
CA LEU A 119 10.99 10.16 23.03
C LEU A 119 10.34 11.53 23.07
N ARG A 120 11.10 12.56 23.46
CA ARG A 120 10.57 13.91 23.53
C ARG A 120 10.82 14.71 22.26
N LEU A 121 11.40 14.10 21.23
CA LEU A 121 11.57 14.73 19.93
C LEU A 121 10.68 14.13 18.85
N ASN A 122 10.47 12.81 18.88
CA ASN A 122 9.64 12.16 17.87
C ASN A 122 8.32 12.86 17.64
N PRO A 123 7.53 13.22 18.66
CA PRO A 123 6.22 13.83 18.39
C PRO A 123 6.30 15.10 17.58
N GLU A 124 7.39 15.85 17.68
CA GLU A 124 7.51 17.14 17.03
C GLU A 124 8.26 17.07 15.71
N VAL A 125 8.82 15.91 15.34
CA VAL A 125 9.67 15.83 14.15
C VAL A 125 9.18 14.72 13.21
N LEU A 126 8.65 13.64 13.78
CA LEU A 126 8.26 12.47 12.99
C LEU A 126 6.78 12.18 12.98
N SER A 127 6.03 12.61 13.99
CA SER A 127 4.63 12.25 14.08
C SER A 127 3.87 12.75 12.85
N PRO A 128 2.81 12.05 12.44
CA PRO A 128 1.99 12.56 11.32
C PRO A 128 1.49 13.98 11.56
N ASN A 129 1.17 14.32 12.81
CA ASN A 129 0.73 15.68 13.12
C ASN A 129 1.84 16.69 12.86
N ALA A 130 3.07 16.34 13.25
CA ALA A 130 4.20 17.23 12.98
C ALA A 130 4.41 17.40 11.48
N VAL A 131 4.42 16.29 10.74
CA VAL A 131 4.58 16.37 9.29
C VAL A 131 3.47 17.22 8.68
N GLN A 132 2.23 17.03 9.15
CA GLN A 132 1.14 17.87 8.67
C GLN A 132 1.44 19.35 8.86
N ARG A 133 2.20 19.69 9.90
CA ARG A 133 2.45 21.09 10.23
C ARG A 133 3.47 21.73 9.31
N PHE A 134 4.65 21.10 9.17
CA PHE A 134 5.74 21.74 8.44
C PHE A 134 5.75 21.41 6.95
N LEU A 135 4.98 20.42 6.50
CA LEU A 135 4.98 20.10 5.08
C LEU A 135 4.50 21.26 4.23
N PRO A 136 3.43 21.99 4.57
CA PRO A 136 3.09 23.19 3.79
C PRO A 136 4.21 24.22 3.77
N MET A 137 5.04 24.26 4.80
CA MET A 137 6.18 25.17 4.80
C MET A 137 7.22 24.73 3.79
N VAL A 138 7.52 23.43 3.74
CA VAL A 138 8.49 22.92 2.76
C VAL A 138 7.97 23.14 1.35
N ASP A 139 6.67 22.91 1.13
CA ASP A 139 6.10 23.11 -0.19
C ASP A 139 6.29 24.54 -0.67
N ALA A 140 6.20 25.51 0.25
CA ALA A 140 6.41 26.91 -0.12
C ALA A 140 7.83 27.13 -0.62
N VAL A 141 8.82 26.58 0.09
CA VAL A 141 10.21 26.73 -0.32
C VAL A 141 10.47 26.00 -1.63
N ALA A 142 9.82 24.84 -1.82
CA ALA A 142 9.99 24.12 -3.07
C ALA A 142 9.41 24.91 -4.25
N ARG A 143 8.33 25.60 -4.00
CA ARG A 143 7.72 26.39 -5.01
C ARG A 143 8.62 27.51 -5.41
N ASP A 144 9.23 28.19 -4.48
CA ASP A 144 10.16 29.27 -4.76
C ASP A 144 11.32 28.79 -5.63
N PHE A 145 11.89 27.63 -5.29
CA PHE A 145 12.99 27.09 -6.08
C PHE A 145 12.57 26.81 -7.51
N SER A 146 11.48 26.07 -7.69
CA SER A 146 11.05 25.70 -9.04
C SER A 146 10.73 26.93 -9.87
N GLN A 147 10.02 27.89 -9.29
CA GLN A 147 9.69 29.12 -10.02
C GLN A 147 10.96 29.87 -10.42
N ALA A 148 11.90 30.01 -9.48
CA ALA A 148 13.15 30.67 -9.81
C ALA A 148 13.89 29.94 -10.93
N LEU A 149 13.94 28.61 -10.86
CA LEU A 149 14.60 27.83 -11.90
C LEU A 149 13.83 27.95 -13.22
N LYS A 150 12.51 27.82 -13.18
CA LYS A 150 11.71 27.98 -14.39
C LYS A 150 11.89 29.36 -15.00
N LYS A 151 12.08 30.38 -14.16
CA LYS A 151 12.30 31.73 -14.66
C LYS A 151 13.63 31.83 -15.41
N LYS A 152 14.70 31.28 -14.83
CA LYS A 152 15.99 31.31 -15.48
C LYS A 152 15.95 30.58 -16.83
N VAL A 153 15.25 29.44 -16.88
CA VAL A 153 15.17 28.68 -18.12
C VAL A 153 14.50 29.51 -19.21
N LEU A 154 13.42 30.21 -18.87
CA LEU A 154 12.67 30.96 -19.87
C LEU A 154 13.33 32.29 -20.20
N GLN A 155 14.12 32.85 -19.27
CA GLN A 155 14.94 33.99 -19.61
C GLN A 155 15.97 33.65 -20.69
N ASN A 156 16.27 32.37 -20.86
CA ASN A 156 17.24 31.95 -21.85
C ASN A 156 16.66 32.07 -23.26
N ALA A 157 17.55 32.09 -24.25
CA ALA A 157 17.12 32.24 -25.63
C ALA A 157 16.24 31.08 -26.07
N ARG A 158 16.71 29.85 -25.87
CA ARG A 158 16.05 28.67 -26.40
C ARG A 158 15.12 28.01 -25.39
N GLY A 159 14.79 28.69 -24.30
CA GLY A 159 14.04 28.04 -23.25
C GLY A 159 14.74 26.84 -22.66
N SER A 160 16.09 26.85 -22.68
CA SER A 160 16.90 25.76 -22.19
C SER A 160 18.09 26.33 -21.45
N LEU A 161 18.39 25.79 -20.27
CA LEU A 161 19.46 26.30 -19.42
C LEU A 161 20.32 25.14 -18.96
N THR A 162 21.64 25.31 -19.08
CA THR A 162 22.62 24.38 -18.54
C THR A 162 23.33 25.06 -17.37
N LEU A 163 23.32 24.42 -16.21
CA LEU A 163 23.92 25.01 -15.02
C LEU A 163 24.34 23.91 -14.06
N ASP A 164 25.07 24.32 -13.03
CA ASP A 164 25.40 23.47 -11.90
C ASP A 164 24.33 23.69 -10.84
N VAL A 165 23.46 22.68 -10.66
CA VAL A 165 22.32 22.83 -9.76
C VAL A 165 22.64 22.43 -8.33
N GLN A 166 23.82 21.89 -8.06
CA GLN A 166 24.13 21.44 -6.70
C GLN A 166 24.05 22.58 -5.69
N PRO A 167 24.62 23.76 -5.94
CA PRO A 167 24.49 24.84 -4.94
C PRO A 167 23.05 25.24 -4.67
N SER A 168 22.25 25.41 -5.73
CA SER A 168 20.87 25.86 -5.53
C SER A 168 20.03 24.79 -4.83
N ILE A 169 20.19 23.53 -5.22
CA ILE A 169 19.46 22.46 -4.54
C ILE A 169 19.93 22.33 -3.10
N PHE A 170 21.23 22.45 -2.87
CA PHE A 170 21.74 22.42 -1.50
C PHE A 170 21.14 23.57 -0.67
N HIS A 171 21.07 24.77 -1.25
CA HIS A 171 20.46 25.89 -0.56
C HIS A 171 19.00 25.59 -0.22
N TYR A 172 18.29 24.93 -1.15
CA TYR A 172 16.89 24.59 -0.91
C TYR A 172 16.74 23.72 0.34
N THR A 173 17.54 22.65 0.43
CA THR A 173 17.40 21.74 1.57
C THR A 173 17.67 22.46 2.89
N ILE A 174 18.67 23.35 2.90
CA ILE A 174 18.94 24.14 4.10
C ILE A 174 17.82 25.11 4.37
N GLU A 175 17.33 25.80 3.34
CA GLU A 175 16.23 26.74 3.50
C GLU A 175 15.00 26.04 4.07
N ALA A 176 14.60 24.94 3.44
CA ALA A 176 13.38 24.24 3.86
C ALA A 176 13.53 23.70 5.27
N SER A 177 14.65 23.04 5.56
CA SER A 177 14.84 22.46 6.88
C SER A 177 14.88 23.54 7.96
N ASN A 178 15.60 24.64 7.71
CA ASN A 178 15.69 25.70 8.69
C ASN A 178 14.33 26.34 8.94
N LEU A 179 13.51 26.46 7.89
CA LEU A 179 12.17 27.01 8.06
C LEU A 179 11.32 26.10 8.95
N ALA A 180 11.41 24.78 8.74
CA ALA A 180 10.66 23.86 9.56
C ALA A 180 11.16 23.88 11.01
N LEU A 181 12.47 23.97 11.19
CA LEU A 181 13.03 23.90 12.53
C LEU A 181 12.79 25.19 13.31
N PHE A 182 13.14 26.33 12.73
CA PHE A 182 13.10 27.60 13.44
C PHE A 182 12.05 28.57 12.92
N GLY A 183 11.32 28.22 11.85
CA GLY A 183 10.28 29.09 11.35
C GLY A 183 10.79 30.37 10.70
N GLU A 184 12.04 30.40 10.27
CA GLU A 184 12.64 31.57 9.65
C GLU A 184 13.14 31.21 8.26
N ARG A 185 12.99 32.16 7.32
CA ARG A 185 13.55 32.03 5.99
C ARG A 185 14.94 32.64 5.97
N LEU A 186 15.92 31.89 5.50
CA LEU A 186 17.29 32.40 5.38
C LEU A 186 17.52 33.17 4.10
N GLY A 187 16.62 33.07 3.12
CA GLY A 187 16.79 33.77 1.87
C GLY A 187 17.80 33.15 0.93
N LEU A 188 18.18 31.89 1.16
CA LEU A 188 19.21 31.27 0.32
C LEU A 188 18.67 30.94 -1.07
N VAL A 189 17.36 30.74 -1.21
CA VAL A 189 16.78 30.51 -2.53
C VAL A 189 16.75 31.80 -3.34
N GLY A 190 16.77 32.95 -2.66
CA GLY A 190 16.81 34.22 -3.36
C GLY A 190 18.19 34.53 -3.91
N HIS A 191 18.23 35.52 -4.79
CA HIS A 191 19.47 35.89 -5.47
C HIS A 191 20.43 36.68 -4.59
N SER A 192 19.98 37.18 -3.44
CA SER A 192 20.81 38.02 -2.58
C SER A 192 20.42 37.79 -1.13
N PRO A 193 20.94 36.73 -0.51
CA PRO A 193 20.71 36.52 0.92
C PRO A 193 21.58 37.43 1.77
N SER A 194 21.15 37.60 3.02
CA SER A 194 21.89 38.45 3.95
C SER A 194 23.26 37.84 4.24
N SER A 195 24.17 38.69 4.74
CA SER A 195 25.50 38.23 5.09
C SER A 195 25.45 37.28 6.29
N ALA A 196 24.51 37.49 7.20
CA ALA A 196 24.37 36.58 8.34
C ALA A 196 24.01 35.17 7.86
N SER A 197 23.06 35.07 6.94
CA SER A 197 22.69 33.77 6.40
C SER A 197 23.87 33.11 5.68
N LEU A 198 24.63 33.90 4.92
CA LEU A 198 25.80 33.36 4.23
C LEU A 198 26.86 32.89 5.23
N ASN A 199 27.10 33.68 6.27
CA ASN A 199 28.03 33.26 7.32
C ASN A 199 27.59 31.92 7.91
N PHE A 200 26.31 31.80 8.27
CA PHE A 200 25.79 30.57 8.84
C PHE A 200 26.04 29.39 7.90
N LEU A 201 25.68 29.56 6.62
CA LEU A 201 25.86 28.48 5.66
C LEU A 201 27.33 28.09 5.53
N HIS A 202 28.22 29.09 5.51
CA HIS A 202 29.64 28.80 5.41
C HIS A 202 30.14 28.01 6.62
N ALA A 203 29.66 28.37 7.82
CA ALA A 203 30.05 27.63 9.02
C ALA A 203 29.63 26.18 8.93
N LEU A 204 28.42 25.91 8.43
CA LEU A 204 27.97 24.54 8.24
C LEU A 204 28.93 23.78 7.33
N GLU A 205 29.28 24.37 6.18
CA GLU A 205 30.18 23.71 5.24
C GLU A 205 31.55 23.48 5.86
N VAL A 206 32.07 24.47 6.59
CA VAL A 206 33.38 24.31 7.23
C VAL A 206 33.31 23.24 8.31
N MET A 207 32.24 23.24 9.11
CA MET A 207 32.09 22.22 10.15
C MET A 207 32.13 20.83 9.55
N PHE A 208 31.41 20.62 8.45
CA PHE A 208 31.39 19.29 7.82
C PHE A 208 32.76 18.93 7.26
N LYS A 209 33.38 19.88 6.54
CA LYS A 209 34.73 19.67 6.03
C LYS A 209 35.68 19.24 7.14
N SER A 210 35.76 20.03 8.20
CA SER A 210 36.68 19.74 9.30
C SER A 210 36.34 18.42 9.98
N THR A 211 35.06 18.04 10.00
CA THR A 211 34.67 16.76 10.57
C THR A 211 35.38 15.62 9.85
N VAL A 212 35.38 15.65 8.51
CA VAL A 212 36.04 14.61 7.73
C VAL A 212 37.53 14.58 8.05
N GLN A 213 38.16 15.75 8.17
CA GLN A 213 39.60 15.81 8.41
C GLN A 213 39.99 15.25 9.76
N LEU A 214 39.07 15.21 10.73
CA LEU A 214 39.41 14.85 12.10
C LEU A 214 38.90 13.48 12.53
N MET A 215 37.82 12.99 11.93
CA MET A 215 37.12 11.84 12.49
C MET A 215 37.85 10.52 12.30
N PHE A 216 38.93 10.50 11.53
CA PHE A 216 39.61 9.24 11.21
C PHE A 216 40.78 8.92 12.14
N MET A 217 41.10 9.79 13.09
CA MET A 217 42.14 9.51 14.07
C MET A 217 41.67 9.98 15.43
N PRO A 218 42.29 9.49 16.50
CA PRO A 218 41.87 9.90 17.85
C PRO A 218 42.13 11.37 18.11
N ARG A 219 41.26 11.97 18.93
CA ARG A 219 41.49 13.34 19.39
C ARG A 219 42.87 13.48 20.01
N SER A 220 43.34 12.44 20.71
CA SER A 220 44.65 12.49 21.33
C SER A 220 45.73 12.84 20.30
N LEU A 221 45.71 12.16 19.16
CA LEU A 221 46.73 12.37 18.14
C LEU A 221 46.43 13.58 17.27
N SER A 222 45.21 13.66 16.74
CA SER A 222 44.88 14.74 15.80
C SER A 222 45.09 16.11 16.42
N ARG A 223 44.99 16.23 17.75
CA ARG A 223 45.21 17.52 18.38
C ARG A 223 46.65 17.98 18.26
N TRP A 224 47.57 17.08 17.96
CA TRP A 224 48.95 17.43 17.62
C TRP A 224 49.10 17.71 16.14
N THR A 225 48.71 16.74 15.31
CA THR A 225 48.98 16.81 13.88
C THR A 225 48.19 17.92 13.19
N SER A 226 47.12 18.41 13.80
CA SER A 226 46.21 19.34 13.12
C SER A 226 45.53 20.23 14.16
N PRO A 227 46.28 21.14 14.79
CA PRO A 227 45.65 22.10 15.70
C PRO A 227 44.80 23.13 14.96
N LYS A 228 45.17 23.50 13.73
CA LYS A 228 44.39 24.49 13.00
C LYS A 228 43.07 23.91 12.50
N VAL A 229 43.01 22.60 12.26
CA VAL A 229 41.75 21.99 11.87
C VAL A 229 40.76 22.04 13.02
N TRP A 230 41.21 21.71 14.23
CA TRP A 230 40.34 21.82 15.39
C TRP A 230 39.87 23.25 15.59
N LYS A 231 40.75 24.22 15.36
CA LYS A 231 40.35 25.62 15.45
C LYS A 231 39.22 25.93 14.48
N GLU A 232 39.36 25.51 13.22
CA GLU A 232 38.29 25.72 12.25
C GLU A 232 37.03 24.99 12.68
N HIS A 233 37.16 23.76 13.18
CA HIS A 233 35.99 22.98 13.56
C HIS A 233 35.21 23.68 14.67
N PHE A 234 35.90 24.06 15.75
CA PHE A 234 35.21 24.69 16.88
C PHE A 234 34.70 26.08 16.52
N GLU A 235 35.44 26.82 15.68
CA GLU A 235 34.94 28.13 15.25
C GLU A 235 33.68 27.99 14.42
N ALA A 236 33.65 27.02 13.50
CA ALA A 236 32.44 26.77 12.72
C ALA A 236 31.28 26.41 13.63
N TRP A 237 31.52 25.50 14.59
CA TRP A 237 30.48 25.13 15.53
C TRP A 237 30.03 26.32 16.37
N ASP A 238 30.96 27.19 16.76
CA ASP A 238 30.59 28.39 17.52
C ASP A 238 29.58 29.22 16.73
N CYS A 239 29.87 29.49 15.46
CA CYS A 239 28.93 30.24 14.63
C CYS A 239 27.58 29.54 14.56
N ILE A 240 27.59 28.21 14.43
CA ILE A 240 26.35 27.46 14.35
C ILE A 240 25.56 27.61 15.64
N PHE A 241 26.20 27.34 16.78
CA PHE A 241 25.51 27.42 18.06
C PHE A 241 25.12 28.86 18.39
N GLN A 242 25.87 29.84 17.91
CA GLN A 242 25.48 31.23 18.08
C GLN A 242 24.19 31.51 17.32
N TYR A 243 24.10 31.05 16.07
CA TYR A 243 22.86 31.20 15.32
C TYR A 243 21.72 30.49 16.01
N GLY A 244 21.98 29.32 16.59
CA GLY A 244 20.93 28.58 17.27
C GLY A 244 20.46 29.28 18.53
N ASP A 245 21.39 29.84 19.30
CA ASP A 245 21.01 30.56 20.51
C ASP A 245 20.10 31.74 20.17
N ASN A 246 20.46 32.52 19.15
CA ASN A 246 19.64 33.66 18.75
C ASN A 246 18.24 33.21 18.35
N CYS A 247 18.14 32.18 17.52
CA CYS A 247 16.82 31.71 17.06
C CYS A 247 15.98 31.23 18.23
N ILE A 248 16.55 30.39 19.09
CA ILE A 248 15.79 29.84 20.21
C ILE A 248 15.36 30.95 21.15
N GLN A 249 16.26 31.89 21.44
CA GLN A 249 15.89 33.03 22.27
C GLN A 249 14.75 33.83 21.64
N LYS A 250 14.89 34.16 20.34
CA LYS A 250 13.84 34.91 19.67
C LYS A 250 12.52 34.16 19.70
N ILE A 251 12.54 32.86 19.40
CA ILE A 251 11.32 32.07 19.44
C ILE A 251 10.72 32.08 20.84
N TYR A 252 11.58 31.99 21.86
CA TYR A 252 11.08 31.95 23.24
C TYR A 252 10.39 33.26 23.61
N GLN A 253 11.03 34.39 23.32
CA GLN A 253 10.42 35.68 23.62
C GLN A 253 9.05 35.80 22.96
N GLU A 254 8.95 35.36 21.70
CA GLU A 254 7.69 35.51 20.97
C GLU A 254 6.62 34.54 21.45
N LEU A 255 6.99 33.45 22.13
CA LEU A 255 5.97 32.54 22.64
C LEU A 255 5.12 33.21 23.71
N ALA A 256 5.68 34.18 24.44
CA ALA A 256 4.90 35.05 25.30
C ALA A 256 4.18 36.15 24.52
N PHE A 257 4.11 36.02 23.19
CA PHE A 257 3.46 37.01 22.34
C PHE A 257 4.06 38.40 22.58
N THR A 264 5.49 29.71 13.95
CA THR A 264 5.16 28.32 14.21
C THR A 264 6.27 27.40 13.66
N SER A 265 6.95 26.69 14.56
CA SER A 265 8.11 25.92 14.17
C SER A 265 8.28 24.73 15.12
N ILE A 266 9.19 23.84 14.76
CA ILE A 266 9.46 22.65 15.57
C ILE A 266 10.03 23.06 16.93
N VAL A 267 10.98 24.00 16.92
CA VAL A 267 11.60 24.44 18.18
C VAL A 267 10.55 25.06 19.10
N ALA A 268 9.65 25.87 18.52
CA ALA A 268 8.59 26.47 19.32
C ALA A 268 7.79 25.41 20.06
N GLU A 269 7.39 24.35 19.36
CA GLU A 269 6.65 23.27 20.01
C GLU A 269 7.47 22.63 21.12
N LEU A 270 8.77 22.43 20.88
CA LEU A 270 9.62 21.84 21.91
C LEU A 270 9.72 22.75 23.13
N LEU A 271 9.83 24.07 22.91
CA LEU A 271 9.85 25.00 24.03
C LEU A 271 8.53 24.98 24.78
N LEU A 272 7.40 24.99 24.05
CA LEU A 272 6.10 24.91 24.69
C LEU A 272 5.95 23.59 25.46
N ASN A 273 6.44 22.50 24.90
CA ASN A 273 6.37 21.21 25.59
C ASN A 273 7.08 21.28 26.93
N ALA A 274 8.22 22.00 26.99
CA ALA A 274 8.99 22.17 28.21
C ALA A 274 9.41 20.83 28.82
N GLU A 275 9.48 19.77 28.01
CA GLU A 275 9.97 18.49 28.51
C GLU A 275 11.49 18.44 28.50
N LEU A 276 12.12 19.12 27.55
CA LEU A 276 13.57 19.23 27.46
C LEU A 276 13.99 20.65 27.85
N SER A 277 15.13 20.76 28.53
CA SER A 277 15.64 22.06 28.90
C SER A 277 16.00 22.86 27.65
N PRO A 278 16.04 24.18 27.76
CA PRO A 278 16.47 24.99 26.60
C PRO A 278 17.83 24.58 26.06
N ASP A 279 18.75 24.15 26.92
CA ASP A 279 20.05 23.69 26.45
C ASP A 279 19.92 22.41 25.63
N ALA A 280 19.08 21.48 26.09
CA ALA A 280 18.88 20.24 25.34
C ALA A 280 18.14 20.52 24.03
N ILE A 281 17.13 21.39 24.06
CA ILE A 281 16.44 21.77 22.83
C ILE A 281 17.42 22.35 21.83
N LYS A 282 18.35 23.17 22.30
CA LYS A 282 19.35 23.76 21.41
C LYS A 282 20.28 22.69 20.85
N ALA A 283 20.76 21.80 21.72
CA ALA A 283 21.66 20.73 21.27
C ALA A 283 21.02 19.91 20.15
N ASN A 284 19.76 19.49 20.35
CA ASN A 284 19.10 18.69 19.34
C ASN A 284 18.77 19.51 18.09
N SER A 285 18.45 20.80 18.26
CA SER A 285 18.16 21.63 17.10
C SER A 285 19.39 21.85 16.23
N MET A 286 20.58 21.87 16.84
CA MET A 286 21.81 22.03 16.06
C MET A 286 22.16 20.75 15.31
N GLU A 287 21.88 19.59 15.92
CA GLU A 287 22.13 18.33 15.22
C GLU A 287 21.10 18.08 14.14
N LEU A 288 19.86 18.55 14.33
CA LEU A 288 18.89 18.51 13.24
C LEU A 288 19.31 19.46 12.12
N THR A 289 19.80 20.64 12.46
CA THR A 289 20.36 21.53 11.45
C THR A 289 21.51 20.85 10.71
N ALA A 290 22.45 20.28 11.46
CA ALA A 290 23.56 19.57 10.83
C ALA A 290 23.07 18.39 10.00
N GLY A 291 21.93 17.82 10.38
CA GLY A 291 21.44 16.63 9.69
C GLY A 291 21.05 16.88 8.25
N SER A 292 20.67 18.11 7.93
CA SER A 292 20.29 18.48 6.56
C SER A 292 21.48 18.96 5.73
N VAL A 293 22.70 18.81 6.23
CA VAL A 293 23.90 19.28 5.53
C VAL A 293 24.53 18.09 4.82
N ASP A 294 24.67 18.21 3.51
CA ASP A 294 25.30 17.17 2.69
C ASP A 294 24.59 15.83 2.84
N THR A 295 23.26 15.88 2.96
CA THR A 295 22.46 14.67 3.02
C THR A 295 21.38 14.69 1.93
N THR A 296 20.28 15.39 2.21
CA THR A 296 19.14 15.39 1.29
C THR A 296 19.52 15.85 -0.11
N VAL A 297 20.52 16.73 -0.22
CA VAL A 297 20.87 17.30 -1.52
C VAL A 297 21.23 16.19 -2.50
N PHE A 298 21.94 15.16 -2.03
CA PHE A 298 22.58 14.23 -2.95
C PHE A 298 21.59 13.26 -3.58
N PRO A 299 20.67 12.68 -2.82
CA PRO A 299 19.60 11.90 -3.48
C PRO A 299 18.80 12.71 -4.48
N LEU A 300 18.63 14.01 -4.24
CA LEU A 300 17.95 14.86 -5.21
C LEU A 300 18.76 14.99 -6.49
N LEU A 301 20.07 15.25 -6.36
CA LEU A 301 20.93 15.36 -7.53
C LEU A 301 20.96 14.06 -8.31
N MET A 302 21.16 12.94 -7.60
CA MET A 302 21.29 11.65 -8.27
C MET A 302 19.98 11.22 -8.91
N THR A 303 18.83 11.60 -8.33
CA THR A 303 17.55 11.33 -8.98
C THR A 303 17.46 12.10 -10.30
N LEU A 304 17.73 13.40 -10.26
CA LEU A 304 17.72 14.21 -11.47
C LEU A 304 18.66 13.62 -12.52
N PHE A 305 19.86 13.22 -12.11
CA PHE A 305 20.81 12.64 -13.05
C PHE A 305 20.25 11.36 -13.68
N GLU A 306 19.68 10.47 -12.86
CA GLU A 306 19.15 9.22 -13.39
C GLU A 306 17.90 9.45 -14.23
N LEU A 307 17.07 10.43 -13.87
CA LEU A 307 15.92 10.75 -14.72
C LEU A 307 16.38 11.30 -16.06
N ALA A 308 17.48 12.05 -16.09
CA ALA A 308 18.03 12.51 -17.36
C ALA A 308 18.56 11.35 -18.19
N ARG A 309 19.09 10.30 -17.55
CA ARG A 309 19.58 9.14 -18.25
C ARG A 309 18.49 8.13 -18.61
N ASN A 310 17.30 8.27 -18.02
CA ASN A 310 16.19 7.34 -18.26
C ASN A 310 14.96 8.17 -18.63
N PRO A 311 14.89 8.65 -19.88
CA PRO A 311 13.76 9.53 -20.26
C PRO A 311 12.39 8.92 -20.01
N ASN A 312 12.24 7.61 -20.23
CA ASN A 312 10.93 7.00 -20.06
C ASN A 312 10.50 7.04 -18.59
N VAL A 313 11.42 6.83 -17.66
CA VAL A 313 11.09 6.96 -16.25
C VAL A 313 10.71 8.40 -15.94
N GLN A 314 11.45 9.37 -16.49
CA GLN A 314 11.15 10.77 -16.23
C GLN A 314 9.75 11.13 -16.72
N GLN A 315 9.38 10.67 -17.92
CA GLN A 315 8.07 11.00 -18.47
C GLN A 315 6.96 10.38 -17.62
N ALA A 316 7.16 9.15 -17.15
CA ALA A 316 6.16 8.52 -16.29
C ALA A 316 5.97 9.30 -15.00
N LEU A 317 7.06 9.82 -14.43
CA LEU A 317 6.96 10.64 -13.23
C LEU A 317 6.28 11.96 -13.52
N ARG A 318 6.49 12.51 -14.72
CA ARG A 318 5.84 13.77 -15.07
C ARG A 318 4.33 13.60 -15.20
N GLN A 319 3.89 12.55 -15.88
CA GLN A 319 2.47 12.27 -15.99
C GLN A 319 1.83 12.12 -14.62
N GLU A 320 2.47 11.36 -13.73
CA GLU A 320 1.96 11.20 -12.38
C GLU A 320 1.82 12.55 -11.69
N SER A 321 2.88 13.36 -11.72
CA SER A 321 2.86 14.64 -11.02
C SER A 321 1.86 15.61 -11.67
N LEU A 322 1.77 15.60 -13.00
CA LEU A 322 0.81 16.46 -13.67
C LEU A 322 -0.62 16.05 -13.34
N ALA A 323 -0.88 14.75 -13.25
CA ALA A 323 -2.22 14.29 -12.92
C ALA A 323 -2.62 14.70 -11.50
N ALA A 324 -1.68 14.66 -10.57
CA ALA A 324 -1.96 14.98 -9.17
C ALA A 324 -1.60 16.42 -8.81
N ALA A 325 -1.30 17.26 -9.80
CA ALA A 325 -0.89 18.62 -9.51
C ALA A 325 -1.99 19.41 -8.81
N ALA A 326 -3.24 19.23 -9.26
CA ALA A 326 -4.35 20.00 -8.68
C ALA A 326 -4.52 19.69 -7.21
N SER A 327 -4.65 18.41 -6.87
CA SER A 327 -4.88 18.04 -5.46
C SER A 327 -3.68 18.42 -4.59
N ILE A 328 -2.46 18.18 -5.09
CA ILE A 328 -1.27 18.55 -4.32
C ILE A 328 -1.26 20.04 -4.05
N SER A 329 -1.67 20.85 -5.02
CA SER A 329 -1.72 22.29 -4.81
C SER A 329 -2.71 22.66 -3.71
N GLU A 330 -3.85 21.96 -3.67
CA GLU A 330 -4.82 22.19 -2.61
C GLU A 330 -4.32 21.68 -1.26
N HIS A 331 -3.74 20.48 -1.25
CA HIS A 331 -3.20 19.85 -0.04
C HIS A 331 -1.78 19.38 -0.33
N PRO A 332 -0.77 20.19 0.00
CA PRO A 332 0.61 19.76 -0.27
C PRO A 332 0.96 18.41 0.31
N GLN A 333 0.33 18.02 1.44
CA GLN A 333 0.63 16.74 2.06
C GLN A 333 0.34 15.56 1.14
N LYS A 334 -0.53 15.74 0.14
CA LYS A 334 -0.80 14.67 -0.81
C LYS A 334 0.42 14.28 -1.64
N ALA A 335 1.48 15.09 -1.61
CA ALA A 335 2.71 14.71 -2.31
C ALA A 335 3.35 13.47 -1.70
N THR A 336 3.07 13.17 -0.44
CA THR A 336 3.65 12.02 0.23
C THR A 336 2.83 10.74 0.04
N THR A 337 1.70 10.81 -0.66
CA THR A 337 0.82 9.66 -0.83
C THR A 337 0.36 9.46 -2.26
N GLU A 338 0.05 10.55 -2.98
CA GLU A 338 -0.49 10.45 -4.32
C GLU A 338 0.59 10.42 -5.41
N LEU A 339 1.86 10.26 -5.02
CA LEU A 339 2.97 10.14 -5.97
C LEU A 339 3.72 8.85 -5.68
N PRO A 340 3.10 7.70 -5.94
CA PRO A 340 3.77 6.43 -5.59
C PRO A 340 4.99 6.15 -6.43
N LEU A 341 4.97 6.51 -7.72
CA LEU A 341 6.13 6.26 -8.56
C LEU A 341 7.30 7.15 -8.17
N LEU A 342 7.01 8.40 -7.81
CA LEU A 342 8.08 9.29 -7.35
C LEU A 342 8.69 8.77 -6.05
N ARG A 343 7.85 8.24 -5.15
CA ARG A 343 8.38 7.58 -3.96
C ARG A 343 9.29 6.42 -4.33
N ALA A 344 8.86 5.61 -5.30
CA ALA A 344 9.70 4.51 -5.77
C ALA A 344 10.99 5.02 -6.40
N ALA A 345 10.90 6.15 -7.10
CA ALA A 345 12.09 6.73 -7.71
C ALA A 345 13.12 7.11 -6.64
N LEU A 346 12.65 7.60 -5.49
CA LEU A 346 13.56 7.94 -4.40
C LEU A 346 14.15 6.67 -3.79
N LYS A 347 13.35 5.62 -3.66
CA LYS A 347 13.89 4.35 -3.19
C LYS A 347 14.98 3.84 -4.12
N GLU A 348 14.73 3.91 -5.44
CA GLU A 348 15.70 3.42 -6.40
C GLU A 348 16.98 4.25 -6.37
N THR A 349 16.86 5.57 -6.24
CA THR A 349 18.03 6.41 -6.11
C THR A 349 18.84 6.02 -4.88
N LEU A 350 18.17 5.88 -3.74
CA LEU A 350 18.88 5.57 -2.49
C LEU A 350 19.39 4.13 -2.50
N ARG A 351 18.75 3.24 -3.26
CA ARG A 351 19.29 1.89 -3.41
C ARG A 351 20.68 1.93 -4.04
N LEU A 352 20.83 2.69 -5.12
CA LEU A 352 22.09 2.78 -5.84
C LEU A 352 23.06 3.75 -5.17
N TYR A 353 22.55 4.82 -4.57
CA TYR A 353 23.37 5.90 -4.02
C TYR A 353 22.89 6.25 -2.62
N PRO A 354 23.17 5.39 -1.64
CA PRO A 354 22.78 5.70 -0.26
C PRO A 354 23.61 6.85 0.29
N VAL A 355 22.93 7.81 0.91
CA VAL A 355 23.60 8.94 1.58
C VAL A 355 24.51 8.37 2.66
N GLY A 356 23.91 7.76 3.67
CA GLY A 356 24.67 7.03 4.66
C GLY A 356 25.17 5.73 4.06
N LEU A 357 26.49 5.60 3.91
CA LEU A 357 27.05 4.42 3.28
C LEU A 357 26.69 3.17 4.06
N PHE A 358 26.76 3.21 5.38
CA PHE A 358 26.52 2.05 6.20
C PHE A 358 25.69 2.42 7.42
N LEU A 359 24.93 1.44 7.91
CA LEU A 359 24.29 1.52 9.21
C LEU A 359 25.21 0.86 10.24
N GLU A 360 25.30 1.46 11.42
CA GLU A 360 26.30 1.09 12.41
C GLU A 360 25.62 0.76 13.74
N ARG A 361 25.93 -0.41 14.27
CA ARG A 361 25.48 -0.80 15.61
C ARG A 361 26.62 -1.50 16.34
N VAL A 362 26.77 -1.15 17.62
CA VAL A 362 27.63 -1.91 18.52
C VAL A 362 26.74 -2.94 19.20
N ALA A 363 26.94 -4.22 18.86
CA ALA A 363 26.09 -5.29 19.37
C ALA A 363 25.93 -5.21 20.88
N SER A 364 24.75 -4.82 21.34
CA SER A 364 24.50 -4.72 22.78
C SER A 364 24.46 -6.10 23.43
N SER A 365 24.10 -7.13 22.68
CA SER A 365 24.09 -8.50 23.17
C SER A 365 24.59 -9.42 22.07
N ASP A 366 24.89 -10.67 22.44
CA ASP A 366 25.34 -11.64 21.46
C ASP A 366 24.25 -11.90 20.42
N LEU A 367 24.69 -12.15 19.19
CA LEU A 367 23.78 -12.48 18.10
C LEU A 367 24.50 -13.39 17.12
N VAL A 368 23.79 -13.79 16.07
CA VAL A 368 24.33 -14.67 15.04
C VAL A 368 24.03 -14.03 13.70
N LEU A 369 25.07 -13.73 12.93
CA LEU A 369 24.94 -13.19 11.59
C LEU A 369 25.61 -14.15 10.62
N GLN A 370 24.85 -14.65 9.65
CA GLN A 370 25.36 -15.57 8.64
C GLN A 370 26.00 -16.80 9.28
N ASN A 371 25.39 -17.27 10.37
CA ASN A 371 25.82 -18.47 11.07
C ASN A 371 27.13 -18.27 11.82
N TYR A 372 27.55 -17.03 12.03
CA TYR A 372 28.73 -16.71 12.82
C TYR A 372 28.31 -16.05 14.13
N HIS A 373 28.93 -16.49 15.23
CA HIS A 373 28.68 -15.85 16.52
C HIS A 373 29.30 -14.45 16.53
N ILE A 374 28.53 -13.48 16.98
CA ILE A 374 28.96 -12.09 17.06
C ILE A 374 28.96 -11.69 18.53
N PRO A 375 30.13 -11.60 19.15
CA PRO A 375 30.17 -11.25 20.58
C PRO A 375 29.61 -9.85 20.83
N ALA A 376 29.00 -9.67 22.00
CA ALA A 376 28.53 -8.36 22.41
C ALA A 376 29.69 -7.37 22.39
N GLY A 377 29.40 -6.14 21.99
CA GLY A 377 30.43 -5.13 21.83
C GLY A 377 31.08 -5.11 20.47
N THR A 378 30.79 -6.09 19.62
CA THR A 378 31.34 -6.09 18.26
C THR A 378 30.72 -4.96 17.45
N LEU A 379 31.56 -4.25 16.70
CA LEU A 379 31.09 -3.20 15.80
C LEU A 379 30.61 -3.85 14.50
N VAL A 380 29.32 -3.73 14.22
CA VAL A 380 28.71 -4.28 13.02
C VAL A 380 28.28 -3.13 12.11
N ARG A 381 28.57 -3.25 10.83
CA ARG A 381 28.21 -2.22 9.86
C ARG A 381 27.55 -2.87 8.65
N VAL A 382 26.36 -2.39 8.32
CA VAL A 382 25.60 -2.85 7.16
C VAL A 382 25.89 -1.89 6.03
N PHE A 383 26.57 -2.36 4.99
CA PHE A 383 26.96 -1.51 3.87
C PHE A 383 25.84 -1.50 2.84
N LEU A 384 25.13 -0.38 2.76
CA LEU A 384 23.96 -0.29 1.90
C LEU A 384 24.33 -0.26 0.43
N TYR A 385 25.52 0.25 0.10
CA TYR A 385 25.97 0.24 -1.29
C TYR A 385 25.98 -1.19 -1.83
N SER A 386 26.44 -2.15 -1.04
CA SER A 386 26.47 -3.54 -1.46
C SER A 386 25.10 -4.21 -1.29
N LEU A 387 24.34 -3.82 -0.27
CA LEU A 387 23.02 -4.38 -0.08
C LEU A 387 22.13 -4.11 -1.29
N GLY A 388 22.13 -2.87 -1.77
CA GLY A 388 21.27 -2.48 -2.88
C GLY A 388 21.72 -3.01 -4.23
N ARG A 389 22.93 -3.58 -4.33
CA ARG A 389 23.44 -4.11 -5.59
C ARG A 389 23.47 -5.63 -5.62
N ASN A 390 22.77 -6.28 -4.70
CA ASN A 390 22.69 -7.73 -4.67
C ASN A 390 21.77 -8.21 -5.80
N PRO A 391 22.29 -8.86 -6.85
CA PRO A 391 21.40 -9.27 -7.96
C PRO A 391 20.34 -10.27 -7.56
N ALA A 392 20.64 -11.19 -6.63
CA ALA A 392 19.62 -12.13 -6.17
C ALA A 392 18.43 -11.40 -5.55
N LEU A 393 18.58 -10.14 -5.18
CA LEU A 393 17.51 -9.34 -4.62
C LEU A 393 17.00 -8.27 -5.54
N PHE A 394 17.88 -7.64 -6.27
CA PHE A 394 17.51 -6.62 -7.23
C PHE A 394 18.04 -7.07 -8.60
N PRO A 395 17.33 -7.97 -9.28
CA PRO A 395 17.80 -8.42 -10.60
C PRO A 395 18.09 -7.24 -11.51
N ARG A 396 19.18 -7.34 -12.26
CA ARG A 396 19.73 -6.22 -13.00
C ARG A 396 19.95 -5.04 -12.05
N PRO A 397 20.77 -5.21 -11.02
CA PRO A 397 20.92 -4.15 -10.02
C PRO A 397 21.47 -2.85 -10.57
N GLU A 398 22.22 -2.91 -11.69
CA GLU A 398 22.75 -1.71 -12.30
C GLU A 398 21.68 -0.85 -12.96
N ARG A 399 20.48 -1.39 -13.17
CA ARG A 399 19.44 -0.68 -13.89
C ARG A 399 18.64 0.19 -12.94
N TYR A 400 18.41 1.44 -13.34
CA TYR A 400 17.57 2.37 -12.58
C TYR A 400 16.12 2.15 -13.02
N ASN A 401 15.38 1.39 -12.22
CA ASN A 401 14.01 1.00 -12.57
C ASN A 401 13.12 1.15 -11.34
N PRO A 402 12.63 2.36 -11.07
CA PRO A 402 11.77 2.55 -9.89
C PRO A 402 10.59 1.61 -9.83
N GLN A 403 10.13 1.10 -10.98
CA GLN A 403 8.98 0.21 -10.98
C GLN A 403 9.23 -1.06 -10.18
N ARG A 404 10.50 -1.45 -9.99
CA ARG A 404 10.81 -2.67 -9.25
C ARG A 404 10.22 -2.62 -7.84
N TRP A 405 10.09 -1.43 -7.27
CA TRP A 405 9.67 -1.30 -5.88
C TRP A 405 8.16 -1.51 -5.71
N LEU A 406 7.38 -1.21 -6.75
CA LEU A 406 5.95 -1.54 -6.70
C LEU A 406 5.69 -3.02 -6.87
N ASP A 407 6.72 -3.81 -7.19
CA ASP A 407 6.57 -5.24 -7.44
C ASP A 407 7.23 -6.12 -6.40
N ILE A 408 8.17 -5.60 -5.61
CA ILE A 408 8.81 -6.40 -4.57
C ILE A 408 7.74 -6.93 -3.62
N ARG A 409 7.80 -8.23 -3.33
CA ARG A 409 6.79 -8.86 -2.48
C ARG A 409 7.41 -9.97 -1.64
N GLY A 410 8.62 -9.73 -1.13
CA GLY A 410 9.22 -10.68 -0.21
C GLY A 410 8.67 -10.53 1.20
N SER A 411 8.79 -11.60 1.98
CA SER A 411 8.27 -11.58 3.34
C SER A 411 9.01 -10.56 4.19
N GLY A 412 10.32 -10.46 4.04
CA GLY A 412 11.10 -9.49 4.78
C GLY A 412 11.53 -8.32 3.92
N ARG A 413 10.63 -7.85 3.05
CA ARG A 413 10.96 -6.79 2.11
C ARG A 413 11.06 -5.42 2.75
N ASN A 414 10.55 -5.25 3.97
CA ASN A 414 10.70 -3.97 4.66
C ASN A 414 12.14 -3.73 5.13
N PHE A 415 13.02 -4.71 4.98
CA PHE A 415 14.44 -4.53 5.24
C PHE A 415 15.26 -4.40 3.96
N TYR A 416 14.61 -4.37 2.79
CA TYR A 416 15.31 -4.12 1.54
C TYR A 416 15.60 -2.64 1.35
N HIS A 417 14.88 -1.76 2.04
CA HIS A 417 15.01 -0.31 1.90
C HIS A 417 15.16 0.27 3.31
N VAL A 418 16.41 0.43 3.75
CA VAL A 418 16.69 0.98 5.07
C VAL A 418 17.75 2.08 4.97
N PRO A 419 17.66 2.99 4.00
CA PRO A 419 18.67 4.06 3.92
C PRO A 419 18.63 5.01 5.10
N PHE A 420 17.50 5.10 5.80
CA PHE A 420 17.37 5.94 6.98
C PHE A 420 17.65 5.17 8.26
N GLY A 421 18.07 3.92 8.16
CA GLY A 421 18.27 3.10 9.34
C GLY A 421 17.03 2.28 9.67
N PHE A 422 17.01 1.81 10.91
CA PHE A 422 15.95 0.91 11.36
C PHE A 422 15.72 1.12 12.86
N GLY A 423 14.58 0.62 13.33
CA GLY A 423 14.30 0.65 14.76
C GLY A 423 14.11 2.06 15.30
N MET A 424 14.24 2.16 16.62
CA MET A 424 13.94 3.41 17.31
C MET A 424 14.95 4.50 17.02
N ARG A 425 16.17 4.14 16.60
CA ARG A 425 17.20 5.12 16.32
C ARG A 425 17.19 5.55 14.84
N GLN A 426 16.21 5.10 14.07
CA GLN A 426 16.09 5.50 12.68
C GLN A 426 16.13 7.03 12.56
N CYS A 427 16.64 7.49 11.41
CA CYS A 427 16.81 8.92 11.15
C CYS A 427 15.64 9.73 11.67
N LEU A 428 15.93 10.66 12.59
CA LEU A 428 14.89 11.53 13.14
C LEU A 428 14.34 12.50 12.10
N GLY A 429 15.11 12.82 11.07
CA GLY A 429 14.68 13.74 10.04
C GLY A 429 14.10 13.08 8.80
N ARG A 430 13.78 11.78 8.86
CA ARG A 430 13.33 11.06 7.66
C ARG A 430 12.13 11.76 7.02
N ARG A 431 11.08 12.00 7.79
CA ARG A 431 9.86 12.58 7.24
C ARG A 431 10.12 13.96 6.65
N LEU A 432 11.00 14.73 7.29
CA LEU A 432 11.35 16.05 6.75
C LEU A 432 12.16 15.91 5.46
N ALA A 433 13.11 14.99 5.43
CA ALA A 433 13.92 14.79 4.23
C ALA A 433 13.07 14.29 3.07
N GLU A 434 12.20 13.31 3.34
CA GLU A 434 11.34 12.78 2.28
C GLU A 434 10.43 13.86 1.74
N ALA A 435 9.85 14.67 2.62
CA ALA A 435 8.99 15.77 2.17
C ALA A 435 9.78 16.72 1.26
N GLU A 436 10.99 17.09 1.68
CA GLU A 436 11.79 18.01 0.89
C GLU A 436 12.11 17.42 -0.48
N MET A 437 12.43 16.13 -0.53
CA MET A 437 12.79 15.51 -1.80
C MET A 437 11.58 15.39 -2.71
N LEU A 438 10.45 14.88 -2.18
CA LEU A 438 9.26 14.68 -2.99
C LEU A 438 8.73 16.00 -3.53
N LEU A 439 8.62 17.01 -2.67
CA LEU A 439 8.01 18.27 -3.09
C LEU A 439 8.87 18.97 -4.14
N LEU A 440 10.19 18.94 -4.00
CA LEU A 440 11.04 19.58 -4.99
C LEU A 440 10.92 18.88 -6.34
N LEU A 441 11.05 17.56 -6.36
CA LEU A 441 10.96 16.82 -7.62
C LEU A 441 9.59 17.00 -8.27
N HIS A 442 8.54 17.03 -7.47
CA HIS A 442 7.20 17.22 -8.03
C HIS A 442 7.09 18.56 -8.74
N HIS A 443 7.48 19.64 -8.05
CA HIS A 443 7.29 20.97 -8.63
C HIS A 443 8.23 21.23 -9.81
N VAL A 444 9.40 20.59 -9.82
CA VAL A 444 10.33 20.76 -10.93
C VAL A 444 9.87 19.97 -12.15
N LEU A 445 9.51 18.70 -11.95
CA LEU A 445 9.12 17.85 -13.06
C LEU A 445 7.83 18.31 -13.73
N LYS A 446 7.04 19.16 -13.06
CA LYS A 446 5.78 19.61 -13.64
C LYS A 446 6.01 20.38 -14.92
N HIS A 447 6.91 21.38 -14.90
CA HIS A 447 7.10 22.27 -16.03
C HIS A 447 8.45 22.11 -16.72
N LEU A 448 9.38 21.36 -16.15
CA LEU A 448 10.75 21.29 -16.66
C LEU A 448 11.15 19.85 -16.97
N GLN A 449 11.97 19.71 -18.00
CA GLN A 449 12.56 18.44 -18.40
C GLN A 449 14.06 18.53 -18.20
N VAL A 450 14.63 17.51 -17.57
CA VAL A 450 16.06 17.49 -17.24
C VAL A 450 16.78 16.60 -18.22
N GLU A 451 17.97 17.04 -18.64
CA GLU A 451 18.78 16.30 -19.61
C GLU A 451 20.24 16.35 -19.17
N THR A 452 21.01 15.40 -19.66
CA THR A 452 22.44 15.33 -19.37
C THR A 452 23.19 14.95 -20.63
N LEU A 453 24.36 15.56 -20.83
CA LEU A 453 25.18 15.22 -21.99
C LEU A 453 25.86 13.86 -21.78
N THR A 454 26.55 13.68 -20.66
CA THR A 454 27.19 12.42 -20.37
C THR A 454 26.16 11.38 -19.95
N GLN A 455 26.32 10.15 -20.44
CA GLN A 455 25.46 9.04 -20.06
C GLN A 455 26.18 8.00 -19.22
N GLU A 456 27.46 8.22 -18.92
CA GLU A 456 28.24 7.26 -18.14
C GLU A 456 28.03 7.48 -16.65
N ASP A 457 28.29 6.42 -15.88
CA ASP A 457 28.18 6.51 -14.43
C ASP A 457 29.16 7.55 -13.90
N ILE A 458 28.75 8.28 -12.88
CA ILE A 458 29.62 9.24 -12.21
C ILE A 458 30.16 8.59 -10.94
N LYS A 459 31.33 9.04 -10.52
CA LYS A 459 32.01 8.43 -9.39
C LYS A 459 31.50 8.99 -8.08
N MET A 460 31.34 8.10 -7.10
CA MET A 460 30.98 8.47 -5.74
C MET A 460 32.20 8.35 -4.84
N VAL A 461 32.27 9.21 -3.83
CA VAL A 461 33.34 9.18 -2.85
C VAL A 461 32.74 9.14 -1.46
N TYR A 462 33.34 8.35 -0.58
CA TYR A 462 32.94 8.29 0.82
C TYR A 462 33.70 9.35 1.59
N SER A 463 32.99 10.39 2.03
CA SER A 463 33.56 11.46 2.84
C SER A 463 32.52 11.77 3.93
N PHE A 464 32.50 10.92 4.97
CA PHE A 464 31.49 10.95 6.01
C PHE A 464 30.16 10.44 5.47
N ILE A 465 29.71 11.00 4.35
CA ILE A 465 28.57 10.49 3.61
C ILE A 465 29.04 10.13 2.21
N LEU A 466 28.20 9.42 1.48
CA LEU A 466 28.49 9.04 0.11
C LEU A 466 27.93 10.11 -0.83
N ARG A 467 28.80 10.71 -1.62
CA ARG A 467 28.43 11.81 -2.50
C ARG A 467 29.16 11.67 -3.82
N PRO A 468 28.65 12.30 -4.88
CA PRO A 468 29.40 12.32 -6.15
C PRO A 468 30.64 13.19 -6.03
N SER A 469 31.76 12.69 -6.57
CA SER A 469 33.00 13.43 -6.49
C SER A 469 32.92 14.74 -7.28
N MET A 470 32.21 14.73 -8.41
CA MET A 470 32.09 15.92 -9.23
C MET A 470 30.82 15.78 -10.07
N PHE A 471 29.70 16.20 -9.50
CA PHE A 471 28.41 16.06 -10.18
C PHE A 471 28.39 16.93 -11.43
N PRO A 472 27.99 16.41 -12.58
CA PRO A 472 28.10 17.16 -13.82
C PRO A 472 26.99 18.20 -13.97
N LEU A 473 27.20 19.10 -14.93
CA LEU A 473 26.18 20.07 -15.28
C LEU A 473 24.95 19.36 -15.85
N LEU A 474 23.78 19.93 -15.58
CA LEU A 474 22.53 19.42 -16.11
C LEU A 474 21.83 20.50 -16.91
N THR A 475 21.05 20.07 -17.91
CA THR A 475 20.31 20.98 -18.78
C THR A 475 18.82 20.83 -18.50
N PHE A 476 18.15 21.95 -18.30
CA PHE A 476 16.72 21.98 -18.04
C PHE A 476 16.00 22.67 -19.18
N ARG A 477 14.86 22.10 -19.57
CA ARG A 477 14.11 22.56 -20.73
C ARG A 477 12.64 22.64 -20.38
N ALA A 478 11.99 23.74 -20.78
CA ALA A 478 10.57 23.87 -20.60
C ALA A 478 9.83 23.02 -21.62
N ILE A 479 8.66 22.51 -21.21
CA ILE A 479 7.85 21.67 -22.06
C ILE A 479 6.91 22.53 -22.90
N THR B 11 -30.68 14.87 -32.01
CA THR B 11 -31.98 14.22 -31.86
C THR B 11 -32.05 13.44 -30.55
N VAL B 12 -31.37 13.94 -29.52
CA VAL B 12 -31.40 13.32 -28.21
C VAL B 12 -32.69 13.72 -27.51
N LEU B 13 -33.42 12.73 -27.00
CA LEU B 13 -34.68 12.99 -26.33
C LEU B 13 -34.43 13.49 -24.90
N PRO B 14 -35.32 14.33 -24.38
CA PRO B 14 -35.13 14.84 -23.02
C PRO B 14 -35.39 13.77 -21.98
N PHE B 15 -34.76 13.97 -20.82
CA PHE B 15 -34.91 13.01 -19.72
C PHE B 15 -36.38 12.79 -19.37
N GLU B 16 -37.18 13.85 -19.39
CA GLU B 16 -38.56 13.77 -18.95
C GLU B 16 -39.44 12.98 -19.90
N ALA B 17 -38.99 12.72 -21.12
CA ALA B 17 -39.74 11.92 -22.07
C ALA B 17 -39.52 10.42 -21.88
N MET B 18 -38.61 10.02 -21.01
CA MET B 18 -38.30 8.62 -20.83
C MET B 18 -39.54 7.86 -20.37
N PRO B 19 -39.79 6.66 -20.90
CA PRO B 19 -40.92 5.86 -20.40
C PRO B 19 -40.85 5.68 -18.89
N ARG B 20 -42.01 5.71 -18.25
CA ARG B 20 -42.12 5.64 -16.81
C ARG B 20 -42.91 4.39 -16.44
N ARG B 21 -42.41 3.65 -15.46
CA ARG B 21 -43.11 2.44 -15.04
C ARG B 21 -44.44 2.85 -14.40
N PRO B 22 -45.57 2.24 -14.81
CA PRO B 22 -46.85 2.58 -14.19
C PRO B 22 -46.84 2.30 -12.70
N GLY B 23 -47.66 3.05 -11.97
CA GLY B 23 -47.79 2.87 -10.53
C GLY B 23 -47.60 4.15 -9.76
N ASN B 24 -48.07 4.17 -8.51
CA ASN B 24 -47.91 5.32 -7.64
C ASN B 24 -46.60 5.19 -6.87
N ARG B 25 -45.73 6.16 -7.00
CA ARG B 25 -44.43 6.11 -6.38
C ARG B 25 -44.43 6.08 -4.90
N TRP B 26 -45.37 6.75 -4.31
CA TRP B 26 -45.42 6.80 -2.84
C TRP B 26 -46.09 5.56 -2.26
N LEU B 27 -47.19 5.10 -2.87
CA LEU B 27 -47.82 3.88 -2.39
C LEU B 27 -46.86 2.69 -2.48
N ARG B 28 -46.06 2.63 -3.56
CA ARG B 28 -45.14 1.52 -3.71
C ARG B 28 -44.07 1.55 -2.62
N LEU B 29 -43.64 2.75 -2.21
CA LEU B 29 -42.67 2.84 -1.13
C LEU B 29 -43.27 2.32 0.17
N LEU B 30 -44.52 2.68 0.47
CA LEU B 30 -45.19 2.13 1.64
C LEU B 30 -45.33 0.62 1.54
N GLN B 31 -45.64 0.11 0.34
CA GLN B 31 -45.75 -1.33 0.14
C GLN B 31 -44.45 -2.03 0.50
N ILE B 32 -43.30 -1.43 0.15
CA ILE B 32 -42.02 -2.02 0.53
C ILE B 32 -41.89 -2.09 2.04
N TRP B 33 -42.31 -1.03 2.75
CA TRP B 33 -42.22 -1.02 4.20
C TRP B 33 -43.18 -2.03 4.82
N ARG B 34 -44.37 -2.19 4.23
CA ARG B 34 -45.30 -3.21 4.72
C ARG B 34 -44.74 -4.60 4.50
N GLU B 35 -44.11 -4.83 3.36
CA GLU B 35 -43.54 -6.13 3.03
C GLU B 35 -42.11 -6.30 3.54
N GLN B 36 -41.49 -5.24 4.03
CA GLN B 36 -40.12 -5.29 4.56
C GLN B 36 -39.13 -5.78 3.51
N GLY B 37 -39.37 -5.43 2.26
CA GLY B 37 -38.48 -5.82 1.18
C GLY B 37 -39.16 -5.68 -0.17
N TYR B 38 -38.49 -6.26 -1.17
CA TYR B 38 -38.94 -6.24 -2.56
C TYR B 38 -38.39 -7.50 -3.23
N GLU B 39 -38.94 -8.65 -2.81
CA GLU B 39 -38.35 -9.93 -3.16
C GLU B 39 -38.53 -10.29 -4.63
N ASP B 40 -39.49 -9.67 -5.32
CA ASP B 40 -39.72 -9.92 -6.74
C ASP B 40 -39.22 -8.78 -7.63
N LEU B 41 -38.29 -7.97 -7.12
CA LEU B 41 -37.80 -6.82 -7.89
C LEU B 41 -37.29 -7.25 -9.26
N HIS B 42 -36.52 -8.34 -9.31
CA HIS B 42 -35.96 -8.78 -10.59
C HIS B 42 -37.06 -9.10 -11.60
N LEU B 43 -38.14 -9.76 -11.15
CA LEU B 43 -39.21 -10.13 -12.07
C LEU B 43 -40.02 -8.91 -12.48
N GLU B 44 -40.30 -8.00 -11.55
CA GLU B 44 -41.09 -6.83 -11.88
C GLU B 44 -40.37 -5.95 -12.89
N VAL B 45 -39.09 -5.64 -12.62
CA VAL B 45 -38.31 -4.87 -13.58
C VAL B 45 -38.23 -5.61 -14.92
N HIS B 46 -38.01 -6.92 -14.88
CA HIS B 46 -37.93 -7.69 -16.11
C HIS B 46 -39.22 -7.56 -16.91
N GLN B 47 -40.37 -7.66 -16.25
CA GLN B 47 -41.64 -7.51 -16.94
C GLN B 47 -41.78 -6.12 -17.54
N THR B 48 -41.36 -5.09 -16.80
CA THR B 48 -41.47 -3.73 -17.31
C THR B 48 -40.63 -3.53 -18.56
N PHE B 49 -39.41 -4.10 -18.58
CA PHE B 49 -38.59 -4.04 -19.77
C PHE B 49 -39.33 -4.61 -20.97
N GLN B 50 -39.93 -5.80 -20.81
CA GLN B 50 -40.69 -6.40 -21.90
C GLN B 50 -41.82 -5.49 -22.35
N GLU B 51 -42.38 -4.70 -21.44
CA GLU B 51 -43.49 -3.81 -21.79
C GLU B 51 -43.00 -2.54 -22.46
N LEU B 52 -42.11 -1.80 -21.79
CA LEU B 52 -41.77 -0.45 -22.20
C LEU B 52 -40.51 -0.34 -23.05
N GLY B 53 -39.66 -1.36 -23.07
CA GLY B 53 -38.44 -1.31 -23.83
C GLY B 53 -37.21 -1.37 -22.95
N PRO B 54 -36.03 -1.15 -23.55
CA PRO B 54 -34.77 -1.38 -22.82
C PRO B 54 -34.40 -0.28 -21.83
N ILE B 55 -35.19 0.76 -21.69
CA ILE B 55 -34.93 1.80 -20.70
C ILE B 55 -36.24 2.34 -20.18
N PHE B 56 -36.32 2.56 -18.87
CA PHE B 56 -37.48 3.18 -18.27
C PHE B 56 -37.08 3.75 -16.91
N ARG B 57 -37.93 4.61 -16.39
CA ARG B 57 -37.71 5.26 -15.11
C ARG B 57 -38.65 4.67 -14.07
N TYR B 58 -38.10 4.28 -12.92
CA TYR B 58 -38.85 3.69 -11.82
C TYR B 58 -38.86 4.70 -10.68
N ASP B 59 -40.00 5.34 -10.47
CA ASP B 59 -40.16 6.31 -9.38
C ASP B 59 -40.55 5.61 -8.09
N LEU B 60 -39.90 5.99 -7.00
CA LEU B 60 -40.14 5.38 -5.71
C LEU B 60 -39.88 6.42 -4.63
N GLY B 61 -40.92 6.78 -3.88
CA GLY B 61 -40.78 7.88 -2.94
C GLY B 61 -40.49 9.16 -3.68
N GLY B 62 -39.63 10.00 -3.10
CA GLY B 62 -39.16 11.19 -3.77
C GLY B 62 -38.02 10.93 -4.75
N ALA B 63 -37.39 9.77 -4.65
CA ALA B 63 -36.25 9.44 -5.50
C ALA B 63 -36.74 8.72 -6.75
N GLY B 64 -35.86 7.96 -7.39
CA GLY B 64 -36.19 7.25 -8.62
C GLY B 64 -34.95 6.76 -9.31
N MET B 65 -35.05 5.67 -10.06
CA MET B 65 -33.92 5.05 -10.73
C MET B 65 -34.20 4.91 -12.21
N VAL B 66 -33.16 5.12 -13.02
CA VAL B 66 -33.20 4.79 -14.44
C VAL B 66 -32.74 3.34 -14.58
N CYS B 67 -33.61 2.49 -15.11
CA CYS B 67 -33.34 1.07 -15.27
C CYS B 67 -32.91 0.79 -16.70
N VAL B 68 -31.80 0.06 -16.86
CA VAL B 68 -31.28 -0.31 -18.17
C VAL B 68 -30.82 -1.76 -18.10
N MET B 69 -30.52 -2.32 -19.28
CA MET B 69 -30.21 -3.75 -19.35
C MET B 69 -29.32 -4.12 -20.53
N LEU B 70 -28.76 -3.15 -21.27
CA LEU B 70 -28.00 -3.49 -22.46
C LEU B 70 -26.51 -3.28 -22.24
N PRO B 71 -25.66 -4.13 -22.82
CA PRO B 71 -24.20 -3.89 -22.72
C PRO B 71 -23.79 -2.51 -23.20
N GLU B 72 -24.44 -1.98 -24.24
CA GLU B 72 -24.10 -0.65 -24.73
C GLU B 72 -24.30 0.41 -23.65
N ASP B 73 -25.32 0.24 -22.81
CA ASP B 73 -25.53 1.18 -21.72
C ASP B 73 -24.45 1.04 -20.66
N VAL B 74 -24.01 -0.20 -20.40
CA VAL B 74 -22.92 -0.42 -19.45
C VAL B 74 -21.66 0.29 -19.92
N GLU B 75 -21.36 0.17 -21.22
CA GLU B 75 -20.19 0.85 -21.78
C GLU B 75 -20.31 2.36 -21.59
N LYS B 76 -21.48 2.92 -21.90
CA LYS B 76 -21.70 4.34 -21.68
C LYS B 76 -21.43 4.72 -20.23
N LEU B 77 -21.87 3.89 -19.29
CA LEU B 77 -21.67 4.20 -17.88
C LEU B 77 -20.19 4.16 -17.51
N GLN B 78 -19.44 3.18 -18.02
CA GLN B 78 -18.02 3.12 -17.72
C GLN B 78 -17.27 4.31 -18.31
N GLN B 79 -17.73 4.82 -19.46
CA GLN B 79 -17.09 5.99 -20.05
C GLN B 79 -17.24 7.21 -19.16
N VAL B 80 -18.36 7.32 -18.45
CA VAL B 80 -18.58 8.44 -17.54
C VAL B 80 -18.14 8.12 -16.12
N ASP B 81 -17.58 6.93 -15.87
CA ASP B 81 -16.96 6.64 -14.59
C ASP B 81 -15.83 7.62 -14.33
N SER B 82 -15.99 8.44 -13.31
CA SER B 82 -14.92 9.36 -12.92
C SER B 82 -13.84 8.59 -12.18
N LEU B 83 -12.83 9.32 -11.70
CA LEU B 83 -11.82 8.69 -10.85
C LEU B 83 -12.42 8.19 -9.55
N HIS B 84 -13.62 8.64 -9.20
CA HIS B 84 -14.31 8.20 -7.98
C HIS B 84 -15.71 7.75 -8.36
N PRO B 85 -15.86 6.57 -8.97
CA PRO B 85 -17.20 6.07 -9.29
C PRO B 85 -18.10 6.09 -8.08
N HIS B 86 -19.25 6.76 -8.19
CA HIS B 86 -20.14 6.97 -7.06
C HIS B 86 -21.18 5.85 -7.00
N ARG B 87 -21.20 5.12 -5.90
CA ARG B 87 -22.25 4.15 -5.61
C ARG B 87 -22.79 4.47 -4.23
N MET B 88 -24.12 4.49 -4.10
CA MET B 88 -24.74 4.88 -2.85
C MET B 88 -24.27 3.96 -1.72
N SER B 89 -23.86 4.58 -0.61
CA SER B 89 -23.39 3.82 0.54
C SER B 89 -24.55 3.14 1.25
N LEU B 90 -24.27 1.97 1.82
CA LEU B 90 -25.28 1.20 2.55
C LEU B 90 -25.44 1.81 3.93
N GLU B 91 -26.56 2.51 4.16
CA GLU B 91 -26.73 3.29 5.37
C GLU B 91 -26.58 2.46 6.64
N PRO B 92 -27.16 1.27 6.76
CA PRO B 92 -27.00 0.51 8.02
C PRO B 92 -25.55 0.26 8.37
N TRP B 93 -24.72 -0.08 7.38
CA TRP B 93 -23.31 -0.34 7.65
C TRP B 93 -22.58 0.94 8.05
N VAL B 94 -22.82 2.03 7.31
CA VAL B 94 -22.18 3.31 7.64
C VAL B 94 -22.56 3.75 9.05
N ALA B 95 -23.82 3.52 9.43
CA ALA B 95 -24.28 3.95 10.75
C ALA B 95 -23.49 3.25 11.85
N TYR B 96 -23.17 1.97 11.67
CA TYR B 96 -22.38 1.27 12.67
C TYR B 96 -20.98 1.86 12.78
N ARG B 97 -20.35 2.16 11.65
CA ARG B 97 -18.99 2.68 11.67
C ARG B 97 -18.94 4.02 12.40
N GLN B 98 -19.88 4.92 12.09
CA GLN B 98 -19.86 6.24 12.70
C GLN B 98 -20.18 6.19 14.18
N HIS B 99 -21.02 5.24 14.61
CA HIS B 99 -21.39 5.18 16.01
C HIS B 99 -20.25 4.65 16.86
N ARG B 100 -19.51 3.64 16.37
CA ARG B 100 -18.41 3.06 17.12
C ARG B 100 -17.09 3.76 16.87
N GLY B 101 -17.01 4.64 15.88
CA GLY B 101 -15.77 5.30 15.53
C GLY B 101 -14.89 4.55 14.57
N HIS B 102 -15.38 3.45 13.98
CA HIS B 102 -14.60 2.72 13.00
C HIS B 102 -14.56 3.48 11.68
N LYS B 103 -13.57 3.14 10.86
CA LYS B 103 -13.49 3.69 9.52
C LYS B 103 -14.37 2.89 8.57
N CYS B 104 -14.62 3.47 7.40
CA CYS B 104 -15.33 2.80 6.33
C CYS B 104 -14.35 2.28 5.30
N GLY B 105 -14.70 1.15 4.68
CA GLY B 105 -13.88 0.55 3.64
C GLY B 105 -14.39 0.90 2.24
N VAL B 106 -13.72 0.30 1.26
CA VAL B 106 -14.02 0.62 -0.14
C VAL B 106 -15.46 0.33 -0.49
N PHE B 107 -16.09 -0.63 0.20
CA PHE B 107 -17.48 -0.93 -0.10
C PHE B 107 -18.40 0.23 0.28
N LEU B 108 -18.05 1.00 1.32
CA LEU B 108 -18.89 2.08 1.82
C LEU B 108 -18.37 3.46 1.47
N LEU B 109 -17.12 3.59 1.04
CA LEU B 109 -16.54 4.91 0.79
C LEU B 109 -16.92 5.43 -0.59
N ASN B 110 -16.83 6.75 -0.74
CA ASN B 110 -16.95 7.42 -2.02
C ASN B 110 -15.94 8.55 -2.06
N GLY B 111 -15.66 9.03 -3.27
CA GLY B 111 -14.77 10.16 -3.46
C GLY B 111 -13.31 9.80 -3.26
N PRO B 112 -12.47 10.81 -3.03
CA PRO B 112 -11.02 10.55 -2.94
C PRO B 112 -10.65 9.50 -1.91
N GLU B 113 -11.35 9.42 -0.78
CA GLU B 113 -10.99 8.46 0.24
C GLU B 113 -11.18 7.03 -0.26
N TRP B 114 -12.21 6.80 -1.09
CA TRP B 114 -12.39 5.48 -1.68
C TRP B 114 -11.21 5.12 -2.57
N ARG B 115 -10.83 6.04 -3.47
CA ARG B 115 -9.72 5.76 -4.38
C ARG B 115 -8.43 5.50 -3.59
N PHE B 116 -8.20 6.28 -2.53
CA PHE B 116 -7.02 6.06 -1.69
C PHE B 116 -6.97 4.63 -1.18
N ASN B 117 -8.11 4.14 -0.65
CA ASN B 117 -8.14 2.78 -0.14
C ASN B 117 -8.03 1.76 -1.27
N ARG B 118 -8.79 1.96 -2.35
CA ARG B 118 -8.82 0.99 -3.44
C ARG B 118 -7.43 0.74 -4.00
N LEU B 119 -6.70 1.82 -4.32
CA LEU B 119 -5.39 1.67 -4.94
C LEU B 119 -4.43 0.87 -4.07
N ARG B 120 -4.61 0.91 -2.75
CA ARG B 120 -3.75 0.17 -1.84
C ARG B 120 -4.27 -1.22 -1.52
N LEU B 121 -5.41 -1.62 -2.08
CA LEU B 121 -5.95 -2.96 -1.90
C LEU B 121 -5.80 -3.84 -3.14
N ASN B 122 -5.94 -3.26 -4.34
CA ASN B 122 -5.86 -4.05 -5.57
C ASN B 122 -4.62 -4.92 -5.65
N PRO B 123 -3.41 -4.44 -5.34
CA PRO B 123 -2.23 -5.30 -5.50
C PRO B 123 -2.26 -6.54 -4.65
N GLU B 124 -2.90 -6.50 -3.48
CA GLU B 124 -2.88 -7.60 -2.54
C GLU B 124 -4.12 -8.49 -2.62
N VAL B 125 -5.10 -8.15 -3.45
CA VAL B 125 -6.35 -8.90 -3.51
C VAL B 125 -6.68 -9.27 -4.94
N LEU B 126 -6.33 -8.40 -5.89
CA LEU B 126 -6.82 -8.51 -7.26
C LEU B 126 -5.73 -8.73 -8.29
N SER B 127 -4.47 -8.43 -7.98
CA SER B 127 -3.41 -8.56 -8.97
C SER B 127 -3.08 -10.03 -9.22
N PRO B 128 -2.50 -10.36 -10.37
CA PRO B 128 -2.08 -11.75 -10.61
C PRO B 128 -1.11 -12.25 -9.57
N ASN B 129 -0.27 -11.37 -9.01
CA ASN B 129 0.64 -11.78 -7.94
C ASN B 129 -0.12 -12.29 -6.73
N ALA B 130 -1.11 -11.51 -6.27
CA ALA B 130 -1.88 -11.92 -5.10
C ALA B 130 -2.61 -13.23 -5.34
N VAL B 131 -3.23 -13.38 -6.51
CA VAL B 131 -3.96 -14.60 -6.82
C VAL B 131 -3.04 -15.81 -6.72
N GLN B 132 -1.85 -15.72 -7.33
CA GLN B 132 -0.91 -16.82 -7.29
C GLN B 132 -0.55 -17.20 -5.85
N ARG B 133 -0.64 -16.24 -4.92
CA ARG B 133 -0.27 -16.52 -3.54
C ARG B 133 -1.35 -17.30 -2.81
N PHE B 134 -2.60 -16.82 -2.85
CA PHE B 134 -3.66 -17.44 -2.05
C PHE B 134 -4.42 -18.53 -2.79
N LEU B 135 -4.26 -18.63 -4.11
CA LEU B 135 -4.95 -19.70 -4.83
C LEU B 135 -4.57 -21.08 -4.31
N PRO B 136 -3.30 -21.40 -4.06
CA PRO B 136 -2.99 -22.70 -3.44
C PRO B 136 -3.64 -22.88 -2.08
N MET B 137 -3.86 -21.79 -1.34
CA MET B 137 -4.57 -21.89 -0.07
C MET B 137 -6.02 -22.25 -0.28
N VAL B 138 -6.69 -21.62 -1.26
CA VAL B 138 -8.06 -21.97 -1.58
C VAL B 138 -8.14 -23.42 -2.03
N ASP B 139 -7.15 -23.86 -2.82
CA ASP B 139 -7.15 -25.24 -3.32
C ASP B 139 -7.16 -26.24 -2.16
N ALA B 140 -6.41 -25.95 -1.10
CA ALA B 140 -6.39 -26.85 0.05
C ALA B 140 -7.77 -26.95 0.68
N VAL B 141 -8.48 -25.83 0.80
CA VAL B 141 -9.81 -25.85 1.39
C VAL B 141 -10.79 -26.58 0.47
N ALA B 142 -10.69 -26.34 -0.84
CA ALA B 142 -11.56 -27.05 -1.77
C ALA B 142 -11.34 -28.55 -1.70
N ARG B 143 -10.08 -28.98 -1.59
CA ARG B 143 -9.79 -30.40 -1.46
C ARG B 143 -10.41 -30.96 -0.18
N ASP B 144 -10.29 -30.23 0.93
CA ASP B 144 -10.90 -30.67 2.17
C ASP B 144 -12.40 -30.88 2.00
N PHE B 145 -13.07 -29.95 1.32
CA PHE B 145 -14.52 -30.08 1.11
C PHE B 145 -14.84 -31.30 0.25
N SER B 146 -14.17 -31.43 -0.90
CA SER B 146 -14.47 -32.54 -1.80
C SER B 146 -14.23 -33.87 -1.12
N GLN B 147 -13.08 -34.01 -0.43
CA GLN B 147 -12.79 -35.26 0.26
C GLN B 147 -13.82 -35.54 1.35
N ALA B 148 -14.21 -34.52 2.11
CA ALA B 148 -15.22 -34.71 3.13
C ALA B 148 -16.55 -35.14 2.53
N LEU B 149 -16.93 -34.57 1.39
CA LEU B 149 -18.16 -34.96 0.72
C LEU B 149 -18.03 -36.35 0.11
N LYS B 150 -16.92 -36.61 -0.58
CA LYS B 150 -16.68 -37.94 -1.13
C LYS B 150 -16.75 -39.01 -0.04
N LYS B 151 -16.23 -38.68 1.15
CA LYS B 151 -16.26 -39.62 2.26
C LYS B 151 -17.69 -39.91 2.69
N LYS B 152 -18.50 -38.87 2.87
CA LYS B 152 -19.91 -39.07 3.25
C LYS B 152 -20.65 -39.89 2.20
N VAL B 153 -20.30 -39.72 0.92
CA VAL B 153 -20.98 -40.47 -0.13
C VAL B 153 -20.63 -41.95 -0.04
N LEU B 154 -19.34 -42.26 0.13
CA LEU B 154 -18.91 -43.65 0.16
C LEU B 154 -19.30 -44.35 1.45
N GLN B 155 -19.54 -43.59 2.53
CA GLN B 155 -20.08 -44.19 3.75
C GLN B 155 -21.53 -44.62 3.59
N ASN B 156 -22.15 -44.34 2.45
CA ASN B 156 -23.54 -44.70 2.22
C ASN B 156 -23.64 -46.11 1.65
N ALA B 157 -24.79 -46.74 1.88
CA ALA B 157 -24.98 -48.11 1.43
C ALA B 157 -24.78 -48.25 -0.07
N ARG B 158 -25.38 -47.35 -0.85
CA ARG B 158 -25.41 -47.46 -2.30
C ARG B 158 -24.49 -46.45 -2.98
N GLY B 159 -23.48 -45.96 -2.28
CA GLY B 159 -22.58 -44.98 -2.86
C GLY B 159 -23.28 -43.73 -3.37
N SER B 160 -24.43 -43.40 -2.79
CA SER B 160 -25.21 -42.23 -3.19
C SER B 160 -25.69 -41.51 -1.95
N LEU B 161 -25.64 -40.18 -1.99
CA LEU B 161 -26.02 -39.37 -0.84
C LEU B 161 -26.89 -38.21 -1.31
N THR B 162 -28.08 -38.09 -0.74
CA THR B 162 -28.95 -36.95 -0.97
C THR B 162 -28.91 -36.06 0.27
N LEU B 163 -28.53 -34.80 0.08
CA LEU B 163 -28.35 -33.90 1.21
C LEU B 163 -28.63 -32.47 0.78
N ASP B 164 -28.84 -31.61 1.77
CA ASP B 164 -28.87 -30.17 1.56
C ASP B 164 -27.44 -29.66 1.59
N VAL B 165 -26.91 -29.28 0.43
CA VAL B 165 -25.50 -28.94 0.32
C VAL B 165 -25.22 -27.46 0.56
N GLN B 166 -26.26 -26.65 0.75
CA GLN B 166 -26.05 -25.20 0.89
C GLN B 166 -25.21 -24.87 2.11
N PRO B 167 -25.47 -25.42 3.31
CA PRO B 167 -24.62 -25.05 4.46
C PRO B 167 -23.15 -25.38 4.26
N SER B 168 -22.84 -26.57 3.75
CA SER B 168 -21.44 -26.97 3.63
C SER B 168 -20.70 -26.14 2.59
N ILE B 169 -21.36 -25.82 1.47
CA ILE B 169 -20.73 -24.95 0.48
C ILE B 169 -20.59 -23.54 1.01
N PHE B 170 -21.60 -23.04 1.73
CA PHE B 170 -21.48 -21.73 2.35
C PHE B 170 -20.30 -21.69 3.30
N HIS B 171 -20.16 -22.72 4.13
CA HIS B 171 -19.01 -22.77 5.05
C HIS B 171 -17.70 -22.80 4.29
N TYR B 172 -17.66 -23.51 3.16
CA TYR B 172 -16.45 -23.55 2.35
C TYR B 172 -16.04 -22.14 1.92
N THR B 173 -16.99 -21.36 1.37
CA THR B 173 -16.65 -20.03 0.90
C THR B 173 -16.12 -19.15 2.03
N ILE B 174 -16.73 -19.25 3.22
CA ILE B 174 -16.24 -18.51 4.37
C ILE B 174 -14.87 -19.03 4.77
N GLU B 175 -14.72 -20.35 4.83
CA GLU B 175 -13.43 -20.95 5.20
C GLU B 175 -12.33 -20.48 4.26
N ALA B 176 -12.53 -20.63 2.94
CA ALA B 176 -11.50 -20.28 1.99
C ALA B 176 -11.19 -18.80 2.00
N SER B 177 -12.23 -17.95 2.05
CA SER B 177 -12.00 -16.51 2.04
C SER B 177 -11.28 -16.07 3.30
N ASN B 178 -11.73 -16.56 4.46
CA ASN B 178 -11.08 -16.18 5.72
C ASN B 178 -9.62 -16.61 5.75
N LEU B 179 -9.32 -17.78 5.18
CA LEU B 179 -7.94 -18.25 5.12
C LEU B 179 -7.08 -17.29 4.30
N ALA B 180 -7.55 -16.93 3.10
CA ALA B 180 -6.81 -15.98 2.27
C ALA B 180 -6.67 -14.63 2.96
N LEU B 181 -7.68 -14.24 3.75
CA LEU B 181 -7.66 -12.92 4.38
C LEU B 181 -6.68 -12.89 5.55
N PHE B 182 -6.88 -13.77 6.52
CA PHE B 182 -6.16 -13.73 7.79
C PHE B 182 -5.20 -14.90 7.98
N GLY B 183 -5.14 -15.83 7.03
CA GLY B 183 -4.27 -16.98 7.18
C GLY B 183 -4.70 -17.95 8.25
N GLU B 184 -5.97 -17.91 8.65
CA GLU B 184 -6.50 -18.78 9.71
C GLU B 184 -7.53 -19.73 9.12
N ARG B 185 -7.56 -20.95 9.67
CA ARG B 185 -8.57 -21.94 9.34
C ARG B 185 -9.62 -21.92 10.44
N LEU B 186 -10.85 -21.51 10.09
CA LEU B 186 -11.94 -21.48 11.05
C LEU B 186 -12.42 -22.87 11.42
N GLY B 187 -12.11 -23.89 10.61
CA GLY B 187 -12.57 -25.23 10.86
C GLY B 187 -14.02 -25.47 10.53
N LEU B 188 -14.64 -24.59 9.74
CA LEU B 188 -16.06 -24.76 9.40
C LEU B 188 -16.28 -25.95 8.47
N VAL B 189 -15.28 -26.29 7.66
CA VAL B 189 -15.38 -27.47 6.82
C VAL B 189 -15.26 -28.74 7.64
N GLY B 190 -14.76 -28.64 8.87
CA GLY B 190 -14.61 -29.79 9.73
C GLY B 190 -15.90 -30.14 10.47
N HIS B 191 -15.81 -31.21 11.27
CA HIS B 191 -16.98 -31.70 12.00
C HIS B 191 -17.32 -30.81 13.19
N SER B 192 -16.31 -30.36 13.93
CA SER B 192 -16.51 -29.64 15.19
C SER B 192 -15.71 -28.34 15.17
N PRO B 193 -16.24 -27.29 14.57
CA PRO B 193 -15.58 -25.97 14.68
C PRO B 193 -15.73 -25.40 16.08
N SER B 194 -14.73 -24.60 16.47
CA SER B 194 -14.73 -24.01 17.79
C SER B 194 -15.98 -23.16 18.00
N SER B 195 -16.34 -22.96 19.26
CA SER B 195 -17.46 -22.08 19.58
C SER B 195 -17.20 -20.67 19.08
N ALA B 196 -15.95 -20.21 19.11
CA ALA B 196 -15.62 -18.89 18.59
C ALA B 196 -15.92 -18.79 17.10
N SER B 197 -15.52 -19.82 16.34
CA SER B 197 -15.79 -19.82 14.90
C SER B 197 -17.29 -19.79 14.63
N LEU B 198 -18.05 -20.59 15.37
CA LEU B 198 -19.51 -20.62 15.17
C LEU B 198 -20.11 -19.26 15.51
N ASN B 199 -19.68 -18.63 16.60
CA ASN B 199 -20.18 -17.31 16.95
C ASN B 199 -19.86 -16.31 15.85
N PHE B 200 -18.64 -16.36 15.31
CA PHE B 200 -18.28 -15.48 14.21
C PHE B 200 -19.19 -15.71 13.00
N LEU B 201 -19.37 -16.97 12.61
CA LEU B 201 -20.25 -17.29 11.50
C LEU B 201 -21.66 -16.79 11.76
N HIS B 202 -22.19 -17.06 12.96
CA HIS B 202 -23.54 -16.62 13.29
C HIS B 202 -23.66 -15.11 13.22
N ALA B 203 -22.64 -14.39 13.70
CA ALA B 203 -22.66 -12.94 13.63
C ALA B 203 -22.75 -12.46 12.18
N LEU B 204 -21.97 -13.07 11.28
CA LEU B 204 -22.06 -12.72 9.87
C LEU B 204 -23.48 -12.92 9.33
N GLU B 205 -24.11 -14.04 9.68
CA GLU B 205 -25.45 -14.32 9.19
C GLU B 205 -26.47 -13.35 9.78
N VAL B 206 -26.33 -13.03 11.07
CA VAL B 206 -27.24 -12.07 11.69
C VAL B 206 -27.02 -10.68 11.12
N MET B 207 -25.76 -10.29 10.92
CA MET B 207 -25.47 -9.00 10.32
C MET B 207 -26.17 -8.86 8.97
N PHE B 208 -26.05 -9.88 8.12
CA PHE B 208 -26.65 -9.83 6.79
C PHE B 208 -28.18 -9.81 6.87
N LYS B 209 -28.75 -10.61 7.77
CA LYS B 209 -30.21 -10.63 7.92
C LYS B 209 -30.73 -9.26 8.34
N SER B 210 -30.12 -8.67 9.38
CA SER B 210 -30.59 -7.37 9.85
C SER B 210 -30.35 -6.28 8.80
N THR B 211 -29.36 -6.47 7.93
CA THR B 211 -29.14 -5.52 6.84
C THR B 211 -30.37 -5.42 5.94
N VAL B 212 -30.91 -6.57 5.55
CA VAL B 212 -32.11 -6.57 4.70
C VAL B 212 -33.27 -5.89 5.41
N GLN B 213 -33.43 -6.17 6.70
CA GLN B 213 -34.56 -5.61 7.45
C GLN B 213 -34.51 -4.09 7.55
N LEU B 214 -33.32 -3.49 7.43
CA LEU B 214 -33.15 -2.06 7.64
C LEU B 214 -32.88 -1.27 6.36
N MET B 215 -32.39 -1.91 5.30
CA MET B 215 -31.85 -1.18 4.17
C MET B 215 -32.92 -0.47 3.33
N PHE B 216 -34.20 -0.77 3.54
CA PHE B 216 -35.26 -0.16 2.74
C PHE B 216 -35.91 1.04 3.41
N MET B 217 -35.57 1.33 4.66
CA MET B 217 -36.10 2.48 5.36
C MET B 217 -34.98 3.46 5.73
N PRO B 218 -35.25 4.75 5.75
CA PRO B 218 -34.24 5.70 6.25
C PRO B 218 -33.99 5.49 7.73
N ARG B 219 -32.73 5.65 8.14
CA ARG B 219 -32.37 5.43 9.53
C ARG B 219 -33.20 6.30 10.46
N SER B 220 -33.54 7.51 10.04
CA SER B 220 -34.36 8.40 10.86
C SER B 220 -35.66 7.72 11.29
N LEU B 221 -36.13 6.75 10.50
CA LEU B 221 -37.35 6.03 10.80
C LEU B 221 -37.06 4.66 11.42
N SER B 222 -36.29 3.82 10.72
CA SER B 222 -35.96 2.50 11.24
C SER B 222 -35.44 2.58 12.68
N ARG B 223 -34.56 3.54 12.94
CA ARG B 223 -34.04 3.75 14.29
C ARG B 223 -35.14 3.82 15.34
N TRP B 224 -36.36 4.16 14.92
CA TRP B 224 -37.49 4.36 15.81
C TRP B 224 -38.45 3.17 15.83
N THR B 225 -38.78 2.62 14.67
CA THR B 225 -39.72 1.51 14.58
C THR B 225 -39.04 0.17 14.86
N SER B 226 -37.75 0.05 14.58
CA SER B 226 -37.03 -1.23 14.66
C SER B 226 -35.80 -1.08 15.54
N PRO B 227 -35.98 -0.65 16.80
CA PRO B 227 -34.81 -0.49 17.67
C PRO B 227 -34.10 -1.80 17.97
N LYS B 228 -34.83 -2.90 18.09
CA LYS B 228 -34.20 -4.18 18.37
C LYS B 228 -33.42 -4.70 17.17
N VAL B 229 -33.86 -4.37 15.95
CA VAL B 229 -33.12 -4.77 14.76
C VAL B 229 -31.77 -4.07 14.72
N TRP B 230 -31.76 -2.76 14.99
CA TRP B 230 -30.50 -2.03 15.04
C TRP B 230 -29.57 -2.60 16.11
N LYS B 231 -30.13 -2.96 17.26
CA LYS B 231 -29.33 -3.61 18.31
C LYS B 231 -28.71 -4.90 17.78
N GLU B 232 -29.53 -5.74 17.12
CA GLU B 232 -28.98 -6.94 16.49
C GLU B 232 -27.89 -6.59 15.48
N HIS B 233 -28.15 -5.58 14.65
CA HIS B 233 -27.20 -5.22 13.60
C HIS B 233 -25.86 -4.80 14.19
N PHE B 234 -25.89 -3.85 15.14
CA PHE B 234 -24.65 -3.35 15.72
C PHE B 234 -23.93 -4.42 16.53
N GLU B 235 -24.68 -5.23 17.27
CA GLU B 235 -24.06 -6.30 18.05
C GLU B 235 -23.38 -7.32 17.15
N ALA B 236 -24.02 -7.67 16.02
CA ALA B 236 -23.39 -8.58 15.08
C ALA B 236 -22.09 -7.98 14.53
N TRP B 237 -22.14 -6.70 14.14
CA TRP B 237 -20.94 -6.04 13.65
C TRP B 237 -19.85 -5.99 14.72
N ASP B 238 -20.24 -5.79 15.98
CA ASP B 238 -19.27 -5.82 17.07
C ASP B 238 -18.54 -7.15 17.11
N CYS B 239 -19.28 -8.26 17.09
CA CYS B 239 -18.64 -9.57 17.07
C CYS B 239 -17.73 -9.71 15.85
N ILE B 240 -18.19 -9.22 14.69
CA ILE B 240 -17.39 -9.30 13.48
C ILE B 240 -16.11 -8.50 13.64
N PHE B 241 -16.23 -7.22 14.00
CA PHE B 241 -15.05 -6.38 14.16
C PHE B 241 -14.14 -6.88 15.28
N GLN B 242 -14.71 -7.55 16.29
CA GLN B 242 -13.88 -8.11 17.34
C GLN B 242 -13.00 -9.24 16.82
N TYR B 243 -13.57 -10.13 16.00
CA TYR B 243 -12.78 -11.20 15.40
C TYR B 243 -11.68 -10.62 14.52
N GLY B 244 -11.99 -9.59 13.74
CA GLY B 244 -11.00 -8.99 12.88
C GLY B 244 -9.87 -8.33 13.65
N ASP B 245 -10.23 -7.55 14.67
CA ASP B 245 -9.22 -6.89 15.48
C ASP B 245 -8.23 -7.90 16.07
N ASN B 246 -8.76 -8.98 16.64
CA ASN B 246 -7.89 -10.01 17.21
C ASN B 246 -6.93 -10.56 16.16
N CYS B 247 -7.45 -10.90 14.98
CA CYS B 247 -6.58 -11.40 13.91
C CYS B 247 -5.51 -10.39 13.53
N ILE B 248 -5.91 -9.14 13.32
CA ILE B 248 -4.95 -8.12 12.91
C ILE B 248 -3.91 -7.90 14.01
N GLN B 249 -4.35 -7.88 15.27
CA GLN B 249 -3.40 -7.78 16.37
C GLN B 249 -2.43 -8.95 16.36
N LYS B 250 -2.96 -10.18 16.26
CA LYS B 250 -2.11 -11.36 16.24
C LYS B 250 -1.14 -11.31 15.07
N ILE B 251 -1.65 -11.03 13.87
CA ILE B 251 -0.79 -10.98 12.69
C ILE B 251 0.30 -9.92 12.86
N TYR B 252 -0.08 -8.74 13.35
CA TYR B 252 0.88 -7.66 13.50
C TYR B 252 2.01 -8.07 14.44
N GLN B 253 1.66 -8.66 15.59
CA GLN B 253 2.68 -9.08 16.54
C GLN B 253 3.61 -10.13 15.94
N GLU B 254 3.06 -11.03 15.12
CA GLU B 254 3.86 -12.08 14.51
C GLU B 254 4.83 -11.54 13.48
N LEU B 255 4.54 -10.38 12.88
CA LEU B 255 5.46 -9.79 11.90
C LEU B 255 6.75 -9.31 12.55
N ALA B 256 6.73 -9.01 13.85
CA ALA B 256 7.95 -8.61 14.54
C ALA B 256 8.88 -9.78 14.78
N PHE B 257 8.34 -10.97 15.02
CA PHE B 257 9.14 -12.16 15.29
C PHE B 257 10.19 -11.88 16.35
N TYR B 263 2.45 -19.30 4.50
CA TYR B 263 1.67 -18.38 3.67
C TYR B 263 1.49 -17.03 4.38
N THR B 264 1.69 -15.96 3.62
CA THR B 264 1.48 -14.60 4.11
C THR B 264 0.09 -14.15 3.69
N SER B 265 -0.79 -13.93 4.67
CA SER B 265 -2.17 -13.56 4.39
C SER B 265 -2.25 -12.17 3.76
N ILE B 266 -3.44 -11.87 3.23
CA ILE B 266 -3.67 -10.57 2.60
C ILE B 266 -3.48 -9.45 3.63
N VAL B 267 -4.03 -9.63 4.83
CA VAL B 267 -3.89 -8.61 5.86
C VAL B 267 -2.42 -8.39 6.20
N ALA B 268 -1.64 -9.47 6.27
CA ALA B 268 -0.22 -9.34 6.55
C ALA B 268 0.47 -8.49 5.49
N GLU B 269 0.18 -8.74 4.21
CA GLU B 269 0.78 -7.95 3.14
C GLU B 269 0.41 -6.49 3.27
N LEU B 270 -0.85 -6.21 3.62
CA LEU B 270 -1.27 -4.82 3.80
C LEU B 270 -0.55 -4.16 4.97
N LEU B 271 -0.41 -4.89 6.07
CA LEU B 271 0.36 -4.37 7.21
C LEU B 271 1.81 -4.13 6.83
N LEU B 272 2.42 -5.08 6.11
CA LEU B 272 3.79 -4.90 5.65
C LEU B 272 3.92 -3.69 4.74
N ASN B 273 2.96 -3.51 3.83
CA ASN B 273 2.99 -2.34 2.96
C ASN B 273 2.92 -1.05 3.76
N ALA B 274 2.20 -1.06 4.88
CA ALA B 274 2.11 0.10 5.77
C ALA B 274 1.56 1.33 5.08
N GLU B 275 0.87 1.16 3.95
CA GLU B 275 0.27 2.29 3.26
C GLU B 275 -1.09 2.67 3.82
N LEU B 276 -1.78 1.73 4.47
CA LEU B 276 -3.05 1.98 5.13
C LEU B 276 -2.86 1.83 6.63
N SER B 277 -3.57 2.66 7.39
CA SER B 277 -3.51 2.56 8.84
C SER B 277 -4.09 1.23 9.29
N PRO B 278 -3.71 0.75 10.48
CA PRO B 278 -4.32 -0.49 10.98
C PRO B 278 -5.84 -0.43 11.05
N ASP B 279 -6.41 0.76 11.28
CA ASP B 279 -7.86 0.90 11.33
C ASP B 279 -8.48 0.83 9.94
N ALA B 280 -7.79 1.38 8.93
CA ALA B 280 -8.27 1.26 7.56
C ALA B 280 -8.15 -0.18 7.06
N ILE B 281 -7.07 -0.87 7.43
CA ILE B 281 -6.92 -2.27 7.07
C ILE B 281 -8.03 -3.09 7.70
N LYS B 282 -8.36 -2.80 8.96
CA LYS B 282 -9.44 -3.53 9.62
C LYS B 282 -10.78 -3.26 8.95
N ALA B 283 -11.07 -1.99 8.67
CA ALA B 283 -12.33 -1.65 8.03
C ALA B 283 -12.48 -2.38 6.69
N ASN B 284 -11.43 -2.37 5.88
CA ASN B 284 -11.50 -3.04 4.58
C ASN B 284 -11.53 -4.55 4.72
N SER B 285 -10.83 -5.10 5.71
CA SER B 285 -10.84 -6.54 5.90
C SER B 285 -12.20 -7.05 6.36
N MET B 286 -12.94 -6.24 7.12
CA MET B 286 -14.27 -6.64 7.55
C MET B 286 -15.27 -6.60 6.40
N GLU B 287 -15.11 -5.64 5.48
CA GLU B 287 -15.97 -5.60 4.31
C GLU B 287 -15.63 -6.71 3.33
N LEU B 288 -14.34 -7.05 3.22
CA LEU B 288 -13.96 -8.24 2.45
C LEU B 288 -14.55 -9.50 3.08
N THR B 289 -14.48 -9.61 4.41
CA THR B 289 -15.13 -10.72 5.09
C THR B 289 -16.62 -10.74 4.78
N ALA B 290 -17.30 -9.61 4.94
CA ALA B 290 -18.72 -9.54 4.63
C ALA B 290 -18.98 -9.82 3.16
N GLY B 291 -17.98 -9.62 2.30
CA GLY B 291 -18.19 -9.80 0.87
C GLY B 291 -18.40 -11.24 0.47
N SER B 292 -17.90 -12.18 1.27
CA SER B 292 -18.07 -13.61 0.99
C SER B 292 -19.32 -14.19 1.65
N VAL B 293 -20.21 -13.33 2.16
CA VAL B 293 -21.42 -13.77 2.84
C VAL B 293 -22.58 -13.70 1.86
N ASP B 294 -23.22 -14.86 1.62
CA ASP B 294 -24.38 -14.93 0.72
C ASP B 294 -24.05 -14.41 -0.67
N THR B 295 -22.83 -14.66 -1.13
CA THR B 295 -22.44 -14.27 -2.48
C THR B 295 -21.94 -15.49 -3.27
N THR B 296 -20.66 -15.83 -3.09
CA THR B 296 -20.07 -16.91 -3.87
C THR B 296 -20.84 -18.21 -3.76
N VAL B 297 -21.51 -18.43 -2.63
CA VAL B 297 -22.19 -19.71 -2.40
C VAL B 297 -23.22 -19.99 -3.48
N PHE B 298 -23.92 -18.95 -3.93
CA PHE B 298 -25.11 -19.17 -4.74
C PHE B 298 -24.76 -19.53 -6.18
N PRO B 299 -23.82 -18.86 -6.84
CA PRO B 299 -23.36 -19.35 -8.15
C PRO B 299 -22.88 -20.78 -8.11
N LEU B 300 -22.26 -21.20 -7.00
CA LEU B 300 -21.85 -22.59 -6.86
C LEU B 300 -23.07 -23.51 -6.79
N LEU B 301 -24.05 -23.15 -5.96
CA LEU B 301 -25.26 -23.97 -5.86
C LEU B 301 -25.98 -24.04 -7.20
N MET B 302 -26.13 -22.91 -7.88
CA MET B 302 -26.89 -22.90 -9.13
C MET B 302 -26.13 -23.60 -10.24
N THR B 303 -24.80 -23.58 -10.22
CA THR B 303 -24.03 -24.36 -11.19
C THR B 303 -24.26 -25.85 -10.96
N LEU B 304 -24.15 -26.29 -9.70
CA LEU B 304 -24.45 -27.69 -9.39
C LEU B 304 -25.85 -28.07 -9.84
N PHE B 305 -26.82 -27.16 -9.65
CA PHE B 305 -28.19 -27.44 -10.06
C PHE B 305 -28.29 -27.60 -11.57
N GLU B 306 -27.74 -26.65 -12.32
CA GLU B 306 -27.85 -26.72 -13.77
C GLU B 306 -27.06 -27.90 -14.33
N LEU B 307 -25.94 -28.27 -13.70
CA LEU B 307 -25.22 -29.45 -14.14
C LEU B 307 -26.04 -30.71 -13.91
N ALA B 308 -26.79 -30.76 -12.79
CA ALA B 308 -27.68 -31.89 -12.55
C ALA B 308 -28.79 -31.95 -13.58
N ARG B 309 -29.23 -30.80 -14.09
CA ARG B 309 -30.30 -30.76 -15.08
C ARG B 309 -29.81 -30.90 -16.52
N ASN B 310 -28.51 -30.75 -16.76
CA ASN B 310 -27.93 -30.83 -18.10
C ASN B 310 -26.82 -31.87 -18.09
N PRO B 311 -27.17 -33.15 -18.15
CA PRO B 311 -26.13 -34.21 -18.13
C PRO B 311 -25.05 -33.99 -19.18
N ASN B 312 -25.40 -33.48 -20.35
CA ASN B 312 -24.42 -33.26 -21.40
C ASN B 312 -23.34 -32.29 -20.93
N VAL B 313 -23.74 -31.20 -20.28
CA VAL B 313 -22.75 -30.21 -19.82
C VAL B 313 -21.90 -30.80 -18.71
N GLN B 314 -22.51 -31.55 -17.78
CA GLN B 314 -21.75 -32.13 -16.68
C GLN B 314 -20.71 -33.11 -17.19
N GLN B 315 -21.04 -33.87 -18.23
CA GLN B 315 -20.09 -34.80 -18.81
C GLN B 315 -18.88 -34.05 -19.38
N ALA B 316 -19.13 -33.04 -20.22
CA ALA B 316 -18.05 -32.29 -20.82
C ALA B 316 -17.16 -31.65 -19.77
N LEU B 317 -17.75 -31.10 -18.71
CA LEU B 317 -16.95 -30.49 -17.66
C LEU B 317 -16.12 -31.52 -16.91
N ARG B 318 -16.68 -32.71 -16.67
CA ARG B 318 -15.94 -33.75 -15.98
C ARG B 318 -14.74 -34.21 -16.82
N GLN B 319 -14.95 -34.39 -18.12
CA GLN B 319 -13.83 -34.78 -18.99
C GLN B 319 -12.71 -33.75 -18.95
N GLU B 320 -13.08 -32.47 -18.98
CA GLU B 320 -12.07 -31.41 -18.91
C GLU B 320 -11.29 -31.48 -17.61
N SER B 321 -11.99 -31.60 -16.49
CA SER B 321 -11.32 -31.60 -15.19
C SER B 321 -10.44 -32.84 -15.02
N LEU B 322 -10.89 -33.99 -15.53
CA LEU B 322 -10.08 -35.20 -15.42
C LEU B 322 -8.85 -35.11 -16.31
N ALA B 323 -8.98 -34.53 -17.50
CA ALA B 323 -7.85 -34.36 -18.39
C ALA B 323 -6.82 -33.38 -17.85
N ALA B 324 -7.22 -32.50 -16.93
CA ALA B 324 -6.32 -31.51 -16.35
C ALA B 324 -6.06 -31.73 -14.88
N ALA B 325 -6.57 -32.83 -14.30
CA ALA B 325 -6.40 -33.06 -12.87
C ALA B 325 -4.93 -33.09 -12.48
N ALA B 326 -4.14 -33.91 -13.17
CA ALA B 326 -2.72 -34.01 -12.86
C ALA B 326 -2.03 -32.65 -12.97
N SER B 327 -2.29 -31.93 -14.07
CA SER B 327 -1.71 -30.60 -14.24
C SER B 327 -2.09 -29.69 -13.08
N ILE B 328 -3.35 -29.73 -12.65
CA ILE B 328 -3.81 -28.84 -11.59
C ILE B 328 -3.30 -29.30 -10.24
N SER B 329 -3.24 -30.61 -10.00
CA SER B 329 -2.73 -31.12 -8.74
C SER B 329 -1.29 -30.67 -8.52
N GLU B 330 -0.51 -30.53 -9.60
CA GLU B 330 0.86 -30.04 -9.48
C GLU B 330 0.89 -28.53 -9.22
N HIS B 331 0.19 -27.76 -10.04
CA HIS B 331 0.13 -26.31 -9.92
C HIS B 331 -1.32 -25.88 -9.90
N PRO B 332 -1.90 -25.69 -8.71
CA PRO B 332 -3.33 -25.31 -8.64
C PRO B 332 -3.68 -24.10 -9.50
N GLN B 333 -2.74 -23.16 -9.68
CA GLN B 333 -3.05 -21.95 -10.43
C GLN B 333 -3.48 -22.25 -11.87
N LYS B 334 -3.13 -23.43 -12.40
CA LYS B 334 -3.52 -23.76 -13.77
C LYS B 334 -5.02 -23.92 -13.91
N ALA B 335 -5.76 -24.09 -12.80
CA ALA B 335 -7.21 -24.18 -12.88
C ALA B 335 -7.83 -22.94 -13.48
N THR B 336 -7.14 -21.81 -13.45
CA THR B 336 -7.66 -20.56 -14.01
C THR B 336 -7.45 -20.46 -15.51
N THR B 337 -6.71 -21.39 -16.12
CA THR B 337 -6.41 -21.31 -17.55
C THR B 337 -6.74 -22.63 -18.25
N GLU B 338 -6.55 -23.75 -17.55
CA GLU B 338 -6.75 -25.07 -18.14
C GLU B 338 -8.17 -25.60 -17.97
N LEU B 339 -9.11 -24.77 -17.52
CA LEU B 339 -10.51 -25.18 -17.37
C LEU B 339 -11.39 -24.15 -18.06
N PRO B 340 -11.21 -23.94 -19.37
CA PRO B 340 -11.98 -22.90 -20.06
C PRO B 340 -13.47 -23.19 -20.10
N LEU B 341 -13.87 -24.46 -20.14
CA LEU B 341 -15.30 -24.77 -20.19
C LEU B 341 -15.94 -24.56 -18.84
N LEU B 342 -15.25 -24.93 -17.75
CA LEU B 342 -15.80 -24.68 -16.41
C LEU B 342 -15.91 -23.19 -16.16
N ARG B 343 -14.93 -22.41 -16.62
CA ARG B 343 -15.03 -20.95 -16.52
C ARG B 343 -16.21 -20.43 -17.32
N ALA B 344 -16.46 -21.02 -18.50
CA ALA B 344 -17.62 -20.62 -19.30
C ALA B 344 -18.91 -21.04 -18.61
N ALA B 345 -18.91 -22.19 -17.95
CA ALA B 345 -20.10 -22.63 -17.22
C ALA B 345 -20.44 -21.65 -16.11
N LEU B 346 -19.43 -21.14 -15.41
CA LEU B 346 -19.67 -20.15 -14.36
C LEU B 346 -20.21 -18.85 -14.94
N LYS B 347 -19.71 -18.46 -16.12
CA LYS B 347 -20.28 -17.30 -16.80
C LYS B 347 -21.75 -17.53 -17.14
N GLU B 348 -22.08 -18.74 -17.57
CA GLU B 348 -23.47 -19.06 -17.90
C GLU B 348 -24.35 -19.03 -16.65
N THR B 349 -23.85 -19.57 -15.54
CA THR B 349 -24.60 -19.53 -14.29
C THR B 349 -24.89 -18.09 -13.88
N LEU B 350 -23.88 -17.22 -13.93
CA LEU B 350 -24.08 -15.84 -13.51
C LEU B 350 -24.93 -15.07 -14.50
N ARG B 351 -24.94 -15.46 -15.77
CA ARG B 351 -25.85 -14.83 -16.73
C ARG B 351 -27.31 -15.03 -16.32
N LEU B 352 -27.65 -16.28 -15.96
CA LEU B 352 -29.03 -16.59 -15.59
C LEU B 352 -29.32 -16.23 -14.13
N TYR B 353 -28.33 -16.33 -13.26
CA TYR B 353 -28.53 -16.18 -11.81
C TYR B 353 -27.46 -15.26 -11.26
N PRO B 354 -27.53 -13.96 -11.57
CA PRO B 354 -26.57 -13.02 -11.00
C PRO B 354 -26.75 -12.89 -9.50
N VAL B 355 -25.63 -12.80 -8.78
CA VAL B 355 -25.68 -12.56 -7.35
C VAL B 355 -26.15 -11.14 -7.06
N GLY B 356 -25.37 -10.16 -7.50
CA GLY B 356 -25.82 -8.78 -7.48
C GLY B 356 -26.85 -8.57 -8.58
N LEU B 357 -28.08 -8.25 -8.19
CA LEU B 357 -29.14 -8.11 -9.18
C LEU B 357 -28.84 -7.00 -10.17
N PHE B 358 -28.31 -5.87 -9.69
CA PHE B 358 -28.07 -4.73 -10.54
C PHE B 358 -26.74 -4.08 -10.20
N LEU B 359 -26.16 -3.43 -11.21
CA LEU B 359 -25.03 -2.52 -11.02
C LEU B 359 -25.56 -1.11 -10.87
N GLU B 360 -24.96 -0.34 -9.97
CA GLU B 360 -25.49 0.96 -9.58
C GLU B 360 -24.43 2.04 -9.75
N ARG B 361 -24.81 3.15 -10.37
CA ARG B 361 -23.95 4.30 -10.50
C ARG B 361 -24.80 5.57 -10.40
N VAL B 362 -24.29 6.54 -9.67
CA VAL B 362 -24.84 7.90 -9.70
C VAL B 362 -24.05 8.65 -10.77
N ALA B 363 -24.72 9.00 -11.86
CA ALA B 363 -24.06 9.65 -12.99
C ALA B 363 -23.25 10.86 -12.52
N SER B 364 -21.92 10.78 -12.64
CA SER B 364 -21.08 11.89 -12.22
C SER B 364 -21.22 13.09 -13.15
N SER B 365 -21.51 12.84 -14.42
CA SER B 365 -21.75 13.90 -15.39
C SER B 365 -22.83 13.45 -16.36
N ASP B 366 -23.32 14.40 -17.16
CA ASP B 366 -24.39 14.10 -18.11
C ASP B 366 -23.93 13.02 -19.08
N LEU B 367 -24.86 12.15 -19.46
CA LEU B 367 -24.61 11.14 -20.47
C LEU B 367 -25.89 10.90 -21.26
N VAL B 368 -25.80 10.04 -22.26
CA VAL B 368 -26.92 9.69 -23.12
C VAL B 368 -27.07 8.17 -23.12
N LEU B 369 -28.21 7.68 -22.66
CA LEU B 369 -28.53 6.26 -22.68
C LEU B 369 -29.80 6.05 -23.49
N GLN B 370 -29.71 5.18 -24.50
CA GLN B 370 -30.85 4.87 -25.36
C GLN B 370 -31.48 6.15 -25.91
N ASN B 371 -30.62 7.09 -26.30
CA ASN B 371 -31.03 8.35 -26.92
C ASN B 371 -31.80 9.25 -25.96
N TYR B 372 -31.66 9.05 -24.66
CA TYR B 372 -32.26 9.92 -23.66
C TYR B 372 -31.15 10.63 -22.89
N HIS B 373 -31.37 11.91 -22.62
CA HIS B 373 -30.43 12.68 -21.80
C HIS B 373 -30.55 12.24 -20.35
N ILE B 374 -29.41 11.91 -19.74
CA ILE B 374 -29.37 11.50 -18.34
C ILE B 374 -28.65 12.59 -17.54
N PRO B 375 -29.37 13.43 -16.80
CA PRO B 375 -28.69 14.50 -16.05
C PRO B 375 -27.71 13.93 -15.03
N ALA B 376 -26.65 14.68 -14.77
CA ALA B 376 -25.70 14.31 -13.72
C ALA B 376 -26.44 14.17 -12.40
N GLY B 377 -26.03 13.18 -11.61
CA GLY B 377 -26.68 12.89 -10.35
C GLY B 377 -27.81 11.90 -10.43
N THR B 378 -28.23 11.50 -11.63
CA THR B 378 -29.30 10.52 -11.77
C THR B 378 -28.83 9.14 -11.33
N LEU B 379 -29.67 8.44 -10.58
CA LEU B 379 -29.39 7.07 -10.19
C LEU B 379 -29.68 6.14 -11.36
N VAL B 380 -28.66 5.43 -11.83
CA VAL B 380 -28.78 4.49 -12.94
C VAL B 380 -28.47 3.10 -12.42
N ARG B 381 -29.32 2.13 -12.78
CA ARG B 381 -29.14 0.76 -12.35
C ARG B 381 -29.24 -0.17 -13.55
N VAL B 382 -28.20 -0.97 -13.76
CA VAL B 382 -28.18 -1.98 -14.82
C VAL B 382 -28.66 -3.29 -14.22
N PHE B 383 -29.80 -3.78 -14.67
CA PHE B 383 -30.39 -5.00 -14.14
C PHE B 383 -29.85 -6.21 -14.90
N LEU B 384 -28.94 -6.95 -14.27
CA LEU B 384 -28.26 -8.04 -14.93
C LEU B 384 -29.20 -9.22 -15.20
N TYR B 385 -30.24 -9.38 -14.37
CA TYR B 385 -31.23 -10.42 -14.64
C TYR B 385 -31.82 -10.26 -16.03
N SER B 386 -32.24 -9.05 -16.38
CA SER B 386 -32.82 -8.81 -17.69
C SER B 386 -31.76 -8.78 -18.78
N LEU B 387 -30.56 -8.28 -18.47
CA LEU B 387 -29.49 -8.26 -19.45
C LEU B 387 -29.15 -9.67 -19.92
N GLY B 388 -29.01 -10.61 -18.98
CA GLY B 388 -28.61 -11.96 -19.32
C GLY B 388 -29.69 -12.79 -20.00
N ARG B 389 -30.96 -12.36 -19.90
CA ARG B 389 -32.06 -13.09 -20.50
C ARG B 389 -32.61 -12.39 -21.75
N ASN B 390 -31.84 -11.46 -22.31
CA ASN B 390 -32.23 -10.78 -23.53
C ASN B 390 -32.02 -11.70 -24.73
N PRO B 391 -33.08 -12.12 -25.43
CA PRO B 391 -32.88 -13.06 -26.54
C PRO B 391 -32.07 -12.47 -27.69
N ALA B 392 -32.15 -11.16 -27.91
CA ALA B 392 -31.40 -10.55 -28.99
C ALA B 392 -29.89 -10.72 -28.79
N LEU B 393 -29.43 -10.73 -27.55
CA LEU B 393 -28.01 -10.88 -27.26
C LEU B 393 -27.62 -12.30 -26.85
N PHE B 394 -28.57 -13.06 -26.29
CA PHE B 394 -28.34 -14.45 -25.89
C PHE B 394 -29.45 -15.29 -26.50
N PRO B 395 -29.33 -15.68 -27.76
CA PRO B 395 -30.39 -16.48 -28.40
C PRO B 395 -30.70 -17.72 -27.56
N ARG B 396 -31.98 -18.03 -27.44
CA ARG B 396 -32.46 -19.08 -26.56
C ARG B 396 -31.91 -18.85 -25.14
N PRO B 397 -32.27 -17.72 -24.52
CA PRO B 397 -31.59 -17.34 -23.26
C PRO B 397 -31.89 -18.27 -22.10
N GLU B 398 -33.04 -18.95 -22.09
CA GLU B 398 -33.35 -19.84 -20.98
C GLU B 398 -32.57 -21.14 -21.04
N ARG B 399 -31.69 -21.33 -22.01
CA ARG B 399 -30.93 -22.55 -22.18
CA ARG B 399 -30.93 -22.55 -22.18
C ARG B 399 -29.56 -22.40 -21.54
N TYR B 400 -29.18 -23.36 -20.71
CA TYR B 400 -27.89 -23.34 -20.03
C TYR B 400 -26.85 -23.94 -20.97
N ASN B 401 -26.05 -23.08 -21.59
CA ASN B 401 -25.09 -23.49 -22.61
C ASN B 401 -23.76 -22.77 -22.40
N PRO B 402 -22.84 -23.36 -21.65
CA PRO B 402 -21.52 -22.73 -21.50
C PRO B 402 -20.80 -22.48 -22.81
N GLN B 403 -21.10 -23.28 -23.85
CA GLN B 403 -20.46 -23.08 -25.14
C GLN B 403 -20.65 -21.65 -25.65
N ARG B 404 -21.71 -20.97 -25.20
CA ARG B 404 -21.92 -19.56 -25.53
C ARG B 404 -20.64 -18.74 -25.48
N TRP B 405 -19.89 -18.88 -24.39
CA TRP B 405 -18.78 -18.00 -24.07
C TRP B 405 -17.47 -18.46 -24.69
N LEU B 406 -17.52 -19.27 -25.73
CA LEU B 406 -16.34 -19.71 -26.46
C LEU B 406 -16.33 -19.07 -27.84
N ASP B 407 -15.12 -18.81 -28.35
CA ASP B 407 -14.93 -18.21 -29.66
C ASP B 407 -15.37 -16.75 -29.70
N ILE B 408 -15.61 -16.22 -30.91
CA ILE B 408 -16.06 -14.86 -31.15
C ILE B 408 -15.00 -13.86 -30.68
N ARG B 409 -14.39 -13.17 -31.65
CA ARG B 409 -13.43 -12.10 -31.43
C ARG B 409 -13.82 -11.21 -30.25
N ARG B 413 -18.04 -8.94 -27.72
CA ARG B 413 -18.89 -9.42 -26.63
C ARG B 413 -18.49 -8.74 -25.33
N ASN B 414 -17.87 -7.57 -25.43
CA ASN B 414 -17.50 -6.81 -24.25
C ASN B 414 -18.75 -6.25 -23.58
N PHE B 415 -18.74 -6.27 -22.25
CA PHE B 415 -19.85 -5.83 -21.41
C PHE B 415 -21.07 -6.74 -21.50
N TYR B 416 -20.92 -7.92 -22.10
CA TYR B 416 -21.95 -8.94 -22.03
C TYR B 416 -21.90 -9.74 -20.73
N HIS B 417 -20.74 -9.78 -20.08
CA HIS B 417 -20.54 -10.51 -18.82
C HIS B 417 -19.95 -9.54 -17.81
N VAL B 418 -20.83 -8.90 -17.03
CA VAL B 418 -20.38 -7.94 -16.01
C VAL B 418 -21.03 -8.26 -14.67
N PRO B 419 -21.08 -9.51 -14.24
CA PRO B 419 -21.69 -9.82 -12.93
C PRO B 419 -20.92 -9.24 -11.76
N PHE B 420 -19.63 -8.94 -11.93
CA PHE B 420 -18.81 -8.34 -10.88
C PHE B 420 -18.72 -6.83 -11.02
N GLY B 421 -19.48 -6.24 -11.93
CA GLY B 421 -19.37 -4.82 -12.19
C GLY B 421 -18.37 -4.51 -13.27
N PHE B 422 -17.94 -3.26 -13.31
CA PHE B 422 -17.05 -2.77 -14.35
C PHE B 422 -16.17 -1.67 -13.78
N GLY B 423 -15.12 -1.34 -14.52
CA GLY B 423 -14.28 -0.21 -14.17
C GLY B 423 -13.49 -0.43 -12.89
N MET B 424 -12.99 0.68 -12.35
CA MET B 424 -12.13 0.64 -11.18
C MET B 424 -12.86 0.15 -9.93
N ARG B 425 -14.18 0.28 -9.88
CA ARG B 425 -14.94 -0.11 -8.71
C ARG B 425 -15.49 -1.53 -8.83
N GLN B 426 -15.07 -2.28 -9.84
CA GLN B 426 -15.43 -3.68 -9.98
C GLN B 426 -15.15 -4.43 -8.67
N CYS B 427 -15.90 -5.51 -8.46
CA CYS B 427 -15.76 -6.34 -7.26
C CYS B 427 -14.30 -6.56 -6.90
N LEU B 428 -13.92 -6.13 -5.70
CA LEU B 428 -12.54 -6.32 -5.26
C LEU B 428 -12.22 -7.78 -4.99
N GLY B 429 -13.22 -8.58 -4.65
CA GLY B 429 -13.02 -10.00 -4.41
C GLY B 429 -13.23 -10.90 -5.60
N ARG B 430 -13.30 -10.33 -6.81
CA ARG B 430 -13.64 -11.12 -7.99
C ARG B 430 -12.72 -12.32 -8.15
N ARG B 431 -11.40 -12.09 -8.08
CA ARG B 431 -10.45 -13.16 -8.35
C ARG B 431 -10.48 -14.21 -7.24
N LEU B 432 -10.74 -13.79 -6.00
CA LEU B 432 -10.89 -14.76 -4.93
C LEU B 432 -12.16 -15.60 -5.12
N ALA B 433 -13.26 -14.95 -5.50
CA ALA B 433 -14.51 -15.68 -5.71
C ALA B 433 -14.38 -16.65 -6.88
N GLU B 434 -13.79 -16.19 -7.99
CA GLU B 434 -13.61 -17.07 -9.15
C GLU B 434 -12.74 -18.27 -8.77
N ALA B 435 -11.68 -18.05 -8.01
CA ALA B 435 -10.82 -19.14 -7.58
C ALA B 435 -11.60 -20.13 -6.73
N GLU B 436 -12.36 -19.62 -5.76
CA GLU B 436 -13.14 -20.51 -4.90
C GLU B 436 -14.15 -21.32 -5.71
N MET B 437 -14.77 -20.68 -6.70
CA MET B 437 -15.79 -21.38 -7.49
C MET B 437 -15.15 -22.42 -8.40
N LEU B 438 -14.07 -22.06 -9.10
CA LEU B 438 -13.44 -22.98 -10.03
C LEU B 438 -12.88 -24.21 -9.30
N LEU B 439 -12.19 -23.97 -8.19
CA LEU B 439 -11.48 -25.06 -7.52
C LEU B 439 -12.45 -26.06 -6.89
N LEU B 440 -13.50 -25.56 -6.23
CA LEU B 440 -14.47 -26.47 -5.62
C LEU B 440 -15.16 -27.33 -6.68
N LEU B 441 -15.62 -26.70 -7.77
CA LEU B 441 -16.28 -27.46 -8.82
C LEU B 441 -15.31 -28.44 -9.46
N HIS B 442 -14.05 -28.04 -9.63
CA HIS B 442 -13.07 -28.93 -10.23
C HIS B 442 -12.89 -30.21 -9.41
N HIS B 443 -12.62 -30.05 -8.11
CA HIS B 443 -12.35 -31.21 -7.27
C HIS B 443 -13.60 -32.05 -6.99
N VAL B 444 -14.78 -31.44 -7.05
CA VAL B 444 -16.00 -32.22 -6.85
C VAL B 444 -16.34 -33.04 -8.10
N LEU B 445 -16.14 -32.45 -9.28
CA LEU B 445 -16.52 -33.14 -10.52
C LEU B 445 -15.59 -34.30 -10.83
N LYS B 446 -14.35 -34.25 -10.36
CA LYS B 446 -13.41 -35.35 -10.63
C LYS B 446 -13.90 -36.66 -10.05
N HIS B 447 -14.58 -36.62 -8.89
CA HIS B 447 -14.93 -37.83 -8.15
C HIS B 447 -16.41 -38.08 -8.03
N LEU B 448 -17.26 -37.07 -8.21
CA LEU B 448 -18.68 -37.18 -7.89
C LEU B 448 -19.53 -36.72 -9.08
N GLN B 449 -20.68 -37.36 -9.21
CA GLN B 449 -21.72 -36.92 -10.13
C GLN B 449 -22.87 -36.34 -9.32
N VAL B 450 -23.47 -35.27 -9.83
CA VAL B 450 -24.56 -34.58 -9.16
C VAL B 450 -25.83 -34.77 -9.97
N GLU B 451 -26.94 -35.01 -9.27
CA GLU B 451 -28.23 -35.21 -9.92
C GLU B 451 -29.31 -34.65 -9.01
N THR B 452 -30.46 -34.37 -9.61
CA THR B 452 -31.58 -33.76 -8.91
C THR B 452 -32.87 -34.47 -9.29
N LEU B 453 -33.77 -34.60 -8.32
CA LEU B 453 -35.05 -35.23 -8.56
C LEU B 453 -36.03 -34.27 -9.23
N THR B 454 -35.95 -32.98 -8.90
CA THR B 454 -36.79 -31.98 -9.53
C THR B 454 -36.07 -31.34 -10.72
N GLN B 455 -36.80 -31.13 -11.80
CA GLN B 455 -36.25 -30.52 -13.00
C GLN B 455 -36.83 -29.13 -13.26
N GLU B 456 -37.69 -28.63 -12.39
CA GLU B 456 -38.33 -27.34 -12.58
C GLU B 456 -37.42 -26.21 -12.13
N ASP B 457 -37.63 -25.03 -12.71
CA ASP B 457 -36.82 -23.88 -12.37
C ASP B 457 -36.97 -23.54 -10.90
N ILE B 458 -35.89 -23.04 -10.32
CA ILE B 458 -35.87 -22.60 -8.93
C ILE B 458 -36.37 -21.17 -8.87
N LYS B 459 -37.11 -20.84 -7.80
CA LYS B 459 -37.57 -19.48 -7.59
C LYS B 459 -36.49 -18.67 -6.91
N MET B 460 -36.20 -17.50 -7.47
CA MET B 460 -35.23 -16.58 -6.90
C MET B 460 -35.95 -15.42 -6.23
N VAL B 461 -35.35 -14.92 -5.15
CA VAL B 461 -35.87 -13.77 -4.42
C VAL B 461 -34.75 -12.75 -4.27
N TYR B 462 -35.09 -11.48 -4.43
CA TYR B 462 -34.15 -10.39 -4.20
C TYR B 462 -34.21 -10.03 -2.71
N SER B 463 -33.10 -10.27 -2.02
CA SER B 463 -32.96 -9.93 -0.59
C SER B 463 -31.53 -9.41 -0.42
N PHE B 464 -31.34 -8.16 -0.83
CA PHE B 464 -30.02 -7.53 -0.91
C PHE B 464 -29.24 -8.10 -2.10
N ILE B 465 -29.15 -9.43 -2.17
CA ILE B 465 -28.64 -10.13 -3.33
C ILE B 465 -29.73 -11.05 -3.85
N LEU B 466 -29.51 -11.57 -5.05
CA LEU B 466 -30.43 -12.52 -5.67
C LEU B 466 -30.01 -13.94 -5.27
N ARG B 467 -30.91 -14.69 -4.67
CA ARG B 467 -30.61 -16.02 -4.17
C ARG B 467 -31.84 -16.90 -4.34
N PRO B 468 -31.66 -18.22 -4.38
CA PRO B 468 -32.82 -19.11 -4.41
C PRO B 468 -33.59 -19.06 -3.10
N SER B 469 -34.92 -19.05 -3.21
CA SER B 469 -35.76 -19.00 -2.02
C SER B 469 -35.67 -20.31 -1.23
N MET B 470 -35.51 -21.44 -1.91
CA MET B 470 -35.42 -22.73 -1.23
C MET B 470 -34.71 -23.69 -2.18
N PHE B 471 -33.40 -23.74 -2.07
CA PHE B 471 -32.61 -24.60 -2.95
C PHE B 471 -32.90 -26.06 -2.65
N PRO B 472 -33.17 -26.89 -3.66
CA PRO B 472 -33.57 -28.27 -3.40
C PRO B 472 -32.41 -29.13 -2.96
N LEU B 473 -32.74 -30.32 -2.45
CA LEU B 473 -31.74 -31.31 -2.14
C LEU B 473 -31.08 -31.81 -3.41
N LEU B 474 -29.78 -32.09 -3.33
CA LEU B 474 -29.04 -32.66 -4.44
C LEU B 474 -28.51 -34.04 -4.04
N THR B 475 -28.41 -34.92 -5.03
CA THR B 475 -27.91 -36.27 -4.83
C THR B 475 -26.53 -36.36 -5.46
N PHE B 476 -25.54 -36.78 -4.66
CA PHE B 476 -24.18 -36.96 -5.12
C PHE B 476 -23.84 -38.45 -5.14
N ARG B 477 -23.04 -38.84 -6.12
CA ARG B 477 -22.79 -40.24 -6.39
C ARG B 477 -21.35 -40.42 -6.87
N ALA B 478 -20.66 -41.40 -6.31
CA ALA B 478 -19.29 -41.67 -6.70
C ALA B 478 -19.23 -42.22 -8.12
N ILE B 479 -18.07 -42.08 -8.74
CA ILE B 479 -17.85 -42.55 -10.10
C ILE B 479 -16.94 -43.77 -10.07
C01 JD7 C . 26.02 13.37 9.83
C02 JD7 C . 26.09 12.62 8.49
C03 JD7 C . 24.94 11.64 8.12
N04 JD7 C . 23.68 12.21 8.55
C05 JD7 C . 22.42 11.80 8.10
N06 JD7 C . 21.46 12.53 8.70
C07 JD7 C . 22.13 13.40 9.56
C08 JD7 C . 23.50 13.22 9.49
C09 JD7 C . 24.62 13.90 10.19
C10 JD7 C . 25.18 10.23 8.74
C11 JD7 C . 26.22 9.38 8.33
C12 JD7 C . 26.43 8.11 8.88
C13 JD7 C . 25.61 7.57 9.87
C14 JD7 C . 24.57 8.41 10.28
C15 JD7 C . 24.36 9.67 9.73
C16 JD7 C . 25.77 6.30 10.46
N17 JD7 C . 25.89 5.24 10.95
H2 JD7 C . 26.73 14.02 9.85
H1 JD7 C . 26.34 12.82 10.57
H3 JD7 C . 26.09 13.28 7.77
H4 JD7 C . 26.94 12.16 8.48
H5 JD7 C . 24.91 11.63 7.15
H6 JD7 C . 22.37 11.12 7.47
H7 JD7 C . 21.70 14.02 10.11
H9 JD7 C . 24.54 14.86 10.11
H8 JD7 C . 24.55 13.89 11.16
H10 JD7 C . 26.85 9.57 7.68
H11 JD7 C . 27.16 7.65 8.52
H12 JD7 C . 23.98 8.12 10.94
H13 JD7 C . 23.62 10.09 10.13
CHA HEM D . 20.32 9.58 11.80
CHB HEM D . 20.18 8.86 7.00
CHC HEM D . 18.53 13.36 6.36
CHD HEM D . 18.61 14.08 11.15
C1A HEM D . 20.42 8.99 10.57
C2A HEM D . 20.86 7.64 10.30
C3A HEM D . 20.82 7.44 8.98
C4A HEM D . 20.36 8.66 8.36
CMA HEM D . 21.21 6.14 8.24
CAA HEM D . 21.28 6.60 11.36
CBA HEM D . 20.03 5.85 11.80
CGA HEM D . 20.41 4.59 12.53
O1A HEM D . 21.56 4.50 13.02
O2A HEM D . 19.54 3.67 12.61
C1B HEM D . 19.68 10.00 6.41
C2B HEM D . 19.34 10.14 5.01
C3B HEM D . 18.89 11.39 4.82
C4B HEM D . 18.93 12.07 6.11
CMB HEM D . 19.53 8.97 4.01
CAB HEM D . 18.37 12.12 3.55
CBB HEM D . 18.20 11.57 2.35
C1C HEM D . 18.38 13.95 7.60
C2C HEM D . 17.84 15.27 7.86
C3C HEM D . 17.87 15.47 9.19
C4C HEM D . 18.42 14.28 9.79
CMC HEM D . 17.37 16.20 6.70
CAC HEM D . 17.43 16.69 10.05
CBC HEM D . 16.84 17.81 9.60
C1D HEM D . 19.08 12.93 11.74
C2D HEM D . 19.29 12.73 13.17
C3D HEM D . 19.76 11.49 13.35
C4D HEM D . 19.88 10.86 12.06
CMD HEM D . 19.01 13.77 14.27
CAD HEM D . 20.13 10.82 14.69
CBD HEM D . 18.94 9.98 15.17
CGD HEM D . 19.32 9.22 16.41
O1D HEM D . 18.41 8.98 17.25
O2D HEM D . 20.51 8.85 16.56
NA HEM D . 20.12 9.59 9.36
NB HEM D . 19.41 11.19 7.06
NC HEM D . 18.73 13.37 8.80
ND HEM D . 19.46 11.77 11.10
FE HEM D . 19.38 11.45 9.08
HHB HEM D . 20.46 8.14 6.40
HHC HEM D . 18.41 13.95 5.58
HHD HEM D . 18.42 14.83 11.74
HMA HEM D . 22.13 5.91 8.45
HMAA HEM D . 21.11 6.26 7.28
HMAB HEM D . 20.61 5.41 8.54
HAA HEM D . 21.68 7.04 12.12
HAAA HEM D . 21.92 5.98 10.98
HBA HEM D . 19.50 5.62 11.02
HBAA HEM D . 19.50 6.41 12.38
HMB HEM D . 20.32 8.47 4.26
HMBA HEM D . 19.64 9.31 3.11
HMBB HEM D . 18.76 8.38 4.05
HAB HEM D . 18.16 13.05 3.64
HBB HEM D . 17.95 12.13 1.59
HBBA HEM D . 18.20 10.60 2.25
HMC HEM D . 17.94 16.06 5.94
HMCA HEM D . 17.42 17.12 6.98
HMCB HEM D . 16.46 15.98 6.47
HAC HEM D . 17.59 16.63 11.00
HBC HEM D . 16.81 18.59 10.17
HBCA HEM D . 16.43 17.82 8.73
HMD HEM D . 19.15 13.37 15.15
HMDA HEM D . 18.08 14.08 14.20
HMDB HEM D . 19.61 14.54 14.15
HAD HEM D . 20.34 11.50 15.35
HADA HEM D . 20.90 10.24 14.56
HBD HEM D . 18.68 9.37 14.47
HBDA HEM D . 18.20 10.58 15.37
HHA HEM D . 20.48 9.01 12.59
C01 JD7 E . -23.17 -7.98 0.22
C02 JD7 E . -23.92 -7.36 -0.95
C03 JD7 E . -23.43 -7.72 -2.39
N04 JD7 E . -22.01 -8.05 -2.36
C05 JD7 E . -21.24 -8.40 -3.46
N06 JD7 E . -19.96 -8.64 -3.09
C07 JD7 E . -19.93 -8.42 -1.71
C08 JD7 E . -21.19 -8.06 -1.23
C09 JD7 E . -21.67 -7.73 0.12
C10 JD7 E . -23.76 -6.55 -3.36
C11 JD7 E . -25.05 -6.29 -3.86
C12 JD7 E . -25.34 -5.23 -4.73
C13 JD7 E . -24.36 -4.35 -5.19
C14 JD7 E . -23.07 -4.59 -4.72
C15 JD7 E . -22.79 -5.65 -3.84
C16 JD7 E . -24.59 -3.27 -6.08
N17 JD7 E . -24.77 -2.38 -6.81
H2 JD7 E . -23.45 -8.90 0.33
H1 JD7 E . -23.50 -7.64 1.07
H3 JD7 E . -23.84 -6.40 -0.90
H4 JD7 E . -24.87 -7.60 -0.84
H5 JD7 E . -23.89 -8.54 -2.62
H6 JD7 E . -21.64 -8.44 -4.30
H7 JD7 E . -19.17 -8.52 -1.19
H9 JD7 E . -21.15 -8.17 0.80
H8 JD7 E . -21.49 -6.83 0.42
H10 JD7 E . -25.81 -6.77 -3.65
H11 JD7 E . -26.23 -5.17 -4.97
H12 JD7 E . -22.38 -4.05 -4.99
H13 JD7 E . -21.88 -5.66 -3.64
CHA HEM F . -18.36 -5.10 -5.03
CHB HEM F . -20.39 -8.92 -7.25
CHC HEM F . -18.03 -11.91 -4.23
CHD HEM F . -15.92 -8.09 -2.11
C1A HEM F . -19.11 -5.86 -5.89
C2A HEM F . -19.98 -5.37 -6.94
C3A HEM F . -20.53 -6.41 -7.55
C4A HEM F . -20.05 -7.63 -6.91
CMA HEM F . -21.53 -6.35 -8.74
CAA HEM F . -20.20 -3.89 -7.30
CBA HEM F . -19.23 -3.54 -8.42
CGA HEM F . -19.53 -2.17 -8.96
O1A HEM F . -20.24 -1.39 -8.29
O2A HEM F . -19.03 -1.87 -10.08
C1B HEM F . -19.90 -10.07 -6.65
C2B HEM F . -20.19 -11.43 -7.07
C3B HEM F . -19.54 -12.26 -6.23
C4B HEM F . -18.83 -11.44 -5.26
CMB HEM F . -21.11 -11.72 -8.28
CAB HEM F . -19.46 -13.81 -6.17
CBB HEM F . -19.95 -14.65 -7.10
C1C HEM F . -17.23 -11.14 -3.42
C2C HEM F . -16.27 -11.65 -2.44
C3C HEM F . -15.68 -10.59 -1.85
C4C HEM F . -16.26 -9.39 -2.44
CMC HEM F . -16.07 -13.17 -2.22
CAC HEM F . -14.60 -10.49 -0.75
CBC HEM F . -13.99 -11.53 -0.14
C1D HEM F . -16.40 -6.95 -2.70
C2D HEM F . -16.03 -5.59 -2.34
C3D HEM F . -16.71 -4.76 -3.15
C4D HEM F . -17.52 -5.57 -4.05
CMD HEM F . -15.04 -5.19 -1.24
CAD HEM F . -16.64 -3.22 -3.16
CBD HEM F . -15.58 -2.77 -4.16
CGD HEM F . -15.54 -1.27 -4.25
O1D HEM F . -14.45 -0.72 -4.58
O2D HEM F . -16.58 -0.61 -3.99
NA HEM F . -19.19 -7.24 -5.90
NB HEM F . -19.08 -10.11 -5.55
NC HEM F . -17.19 -9.77 -3.38
ND HEM F . -17.31 -6.90 -3.74
FE HEM F . -18.16 -8.49 -4.69
HHB HEM F . -21.02 -9.03 -7.98
HHC HEM F . -18.10 -12.86 -4.03
HHD HEM F . -15.35 -7.98 -1.32
HMA HEM F . -22.31 -5.83 -8.47
HMAA HEM F . -21.80 -7.26 -8.99
HMAB HEM F . -21.08 -5.91 -9.50
HAA HEM F . -20.04 -3.33 -6.52
HAAA HEM F . -21.12 -3.76 -7.60
HBA HEM F . -19.31 -4.20 -9.13
HBAA HEM F . -18.32 -3.55 -8.08
HMB HEM F . -21.82 -11.07 -8.32
HMBA HEM F . -21.49 -12.60 -8.20
HMBB HEM F . -20.59 -11.67 -9.10
HAB HEM F . -19.03 -14.20 -5.41
HBB HEM F . -19.83 -15.60 -6.97
HBBA HEM F . -20.22 -14.31 -7.96
HMC HEM F . -16.90 -13.63 -2.38
HMCA HEM F . -15.77 -13.33 -1.31
HMCB HEM F . -15.40 -13.49 -2.84
HAC HEM F . -14.34 -9.62 -0.47
HBC HEM F . -13.48 -11.38 0.67
HBCA HEM F . -14.02 -12.41 -0.54
HMD HEM F . -14.92 -4.22 -1.23
HMDA HEM F . -14.18 -5.62 -1.39
HMDB HEM F . -15.40 -5.48 -0.36
HAD HEM F . -16.41 -2.90 -2.27
HADA HEM F . -17.50 -2.86 -3.42
HBD HEM F . -15.78 -3.15 -5.02
HBDA HEM F . -14.71 -3.10 -3.86
HHA HEM F . -18.43 -4.12 -5.11
#